data_2K72
#
_entry.id   2K72
#
_entity_poly.entity_id   1
_entity_poly.type   'polypeptide(L)'
_entity_poly.pdbx_seq_one_letter_code
;YGCLDRIFVCTSWARKGFCDVRQRLMKRLCPRSCDFC
;
_entity_poly.pdbx_strand_id   A
#
# COMPACT_ATOMS: atom_id res chain seq x y z
N TYR A 1 3.39 -6.22 -14.91
CA TYR A 1 3.91 -5.71 -13.61
C TYR A 1 3.60 -4.23 -13.45
N GLY A 2 4.22 -3.57 -12.51
CA GLY A 2 3.95 -2.11 -12.32
C GLY A 2 4.00 -1.77 -10.84
N CYS A 3 4.04 -2.75 -9.98
CA CYS A 3 4.09 -2.47 -8.51
C CYS A 3 5.02 -1.28 -8.23
N LEU A 4 4.46 -0.13 -7.97
CA LEU A 4 5.31 1.07 -7.70
C LEU A 4 4.55 2.06 -6.82
N ASP A 5 5.08 2.38 -5.67
CA ASP A 5 4.41 3.35 -4.77
C ASP A 5 4.99 4.76 -5.00
N ARG A 6 4.50 5.75 -4.30
CA ARG A 6 5.04 7.12 -4.50
C ARG A 6 5.07 7.90 -3.18
N ILE A 7 5.03 7.22 -2.07
CA ILE A 7 5.05 7.93 -0.75
C ILE A 7 5.82 7.11 0.28
N PHE A 8 6.12 7.69 1.41
CA PHE A 8 6.87 6.94 2.46
C PHE A 8 5.98 6.68 3.67
N VAL A 9 4.72 6.99 3.57
CA VAL A 9 3.80 6.76 4.72
C VAL A 9 3.20 5.36 4.65
N CYS A 10 3.91 4.42 4.07
CA CYS A 10 3.37 3.03 3.97
C CYS A 10 3.67 2.25 5.24
N THR A 11 4.90 2.28 5.71
CA THR A 11 5.23 1.53 6.96
C THR A 11 4.15 1.75 8.01
N SER A 12 3.66 2.96 8.13
CA SER A 12 2.60 3.25 9.14
C SER A 12 1.28 2.62 8.69
N TRP A 13 1.00 2.67 7.41
CA TRP A 13 -0.26 2.07 6.89
C TRP A 13 -0.19 0.55 6.98
N ALA A 14 0.92 -0.02 6.61
CA ALA A 14 1.06 -1.50 6.67
C ALA A 14 0.67 -2.02 8.06
N ARG A 15 1.07 -1.33 9.10
CA ARG A 15 0.73 -1.79 10.48
C ARG A 15 -0.62 -1.19 10.90
N LYS A 16 -1.25 -0.44 10.05
CA LYS A 16 -2.57 0.17 10.41
C LYS A 16 -3.70 -0.62 9.77
N GLY A 17 -3.39 -1.65 9.02
CA GLY A 17 -4.47 -2.44 8.37
C GLY A 17 -4.77 -1.85 6.99
N PHE A 18 -3.96 -0.94 6.52
CA PHE A 18 -4.21 -0.32 5.19
C PHE A 18 -4.22 -1.39 4.09
N CYS A 19 -3.63 -2.52 4.35
CA CYS A 19 -3.60 -3.59 3.32
C CYS A 19 -4.81 -4.51 3.49
N ASP A 20 -5.85 -4.04 4.14
CA ASP A 20 -7.05 -4.90 4.35
C ASP A 20 -8.33 -4.06 4.37
N VAL A 21 -8.29 -2.91 4.98
CA VAL A 21 -9.51 -2.06 5.03
C VAL A 21 -9.38 -0.87 4.06
N ARG A 22 -8.23 -0.27 4.01
CA ARG A 22 -8.03 0.89 3.08
C ARG A 22 -7.29 0.44 1.82
N GLN A 23 -6.96 -0.82 1.74
CA GLN A 23 -6.23 -1.32 0.53
C GLN A 23 -6.84 -0.70 -0.74
N ARG A 24 -8.14 -0.57 -0.79
CA ARG A 24 -8.78 0.02 -1.99
C ARG A 24 -7.99 1.25 -2.47
N LEU A 25 -7.39 1.96 -1.57
CA LEU A 25 -6.60 3.16 -1.97
C LEU A 25 -5.11 2.82 -2.02
N MET A 26 -4.67 1.93 -1.16
CA MET A 26 -3.23 1.56 -1.16
C MET A 26 -2.89 0.71 -2.39
N LYS A 27 -3.87 0.09 -2.98
CA LYS A 27 -3.61 -0.74 -4.19
C LYS A 27 -2.69 0.00 -5.17
N ARG A 28 -3.04 1.22 -5.51
CA ARG A 28 -2.19 1.99 -6.48
C ARG A 28 -1.30 2.99 -5.74
N LEU A 29 -1.60 3.28 -4.51
CA LEU A 29 -0.76 4.26 -3.75
C LEU A 29 0.55 3.60 -3.29
N CYS A 30 0.46 2.52 -2.58
CA CYS A 30 1.71 1.85 -2.10
C CYS A 30 1.54 0.32 -2.14
N PRO A 31 1.55 -0.20 -3.33
CA PRO A 31 1.40 -1.67 -3.51
C PRO A 31 2.69 -2.38 -3.09
N ARG A 32 3.75 -1.64 -2.94
CA ARG A 32 5.04 -2.27 -2.52
C ARG A 32 4.93 -2.81 -1.09
N SER A 33 4.37 -2.04 -0.20
CA SER A 33 4.23 -2.50 1.21
C SER A 33 3.14 -3.58 1.31
N CYS A 34 1.90 -3.22 1.10
CA CYS A 34 0.81 -4.24 1.18
C CYS A 34 1.03 -5.33 0.14
N ASP A 35 1.90 -5.11 -0.80
CA ASP A 35 2.17 -6.13 -1.86
C ASP A 35 0.96 -6.26 -2.79
N PHE A 36 0.53 -5.18 -3.38
CA PHE A 36 -0.63 -5.24 -4.31
C PHE A 36 -0.13 -5.37 -5.75
N CYS A 37 1.08 -5.79 -5.94
CA CYS A 37 1.61 -5.93 -7.32
C CYS A 37 0.57 -6.63 -8.21
N TYR A 1 6.71 -6.56 -10.45
CA TYR A 1 7.95 -5.78 -10.76
C TYR A 1 7.62 -4.56 -11.61
N GLY A 2 6.36 -4.26 -11.77
CA GLY A 2 5.97 -3.08 -12.60
C GLY A 2 5.29 -2.03 -11.72
N CYS A 3 4.32 -2.44 -10.95
CA CYS A 3 3.61 -1.46 -10.07
C CYS A 3 4.54 -0.96 -8.97
N LEU A 4 4.26 0.18 -8.41
CA LEU A 4 5.13 0.72 -7.33
C LEU A 4 4.39 1.83 -6.57
N ASP A 5 4.92 2.23 -5.44
CA ASP A 5 4.24 3.29 -4.65
C ASP A 5 4.81 4.67 -5.02
N ARG A 6 4.27 5.71 -4.45
CA ARG A 6 4.78 7.07 -4.77
C ARG A 6 4.55 8.01 -3.58
N ILE A 7 4.56 7.50 -2.39
CA ILE A 7 4.35 8.37 -1.19
C ILE A 7 5.38 8.03 -0.11
N PHE A 8 5.16 8.43 1.11
CA PHE A 8 6.15 8.10 2.18
C PHE A 8 5.47 7.83 3.52
N VAL A 9 4.59 6.87 3.58
CA VAL A 9 3.89 6.56 4.86
C VAL A 9 3.26 5.17 4.79
N CYS A 10 3.80 4.31 3.96
CA CYS A 10 3.23 2.94 3.85
C CYS A 10 3.51 2.14 5.13
N THR A 11 4.71 2.23 5.64
CA THR A 11 5.04 1.48 6.89
C THR A 11 3.96 1.75 7.95
N SER A 12 3.53 2.97 8.04
CA SER A 12 2.46 3.30 9.04
C SER A 12 1.14 2.68 8.61
N TRP A 13 0.98 2.43 7.33
CA TRP A 13 -0.28 1.81 6.85
C TRP A 13 -0.19 0.28 6.91
N ALA A 14 0.75 -0.29 6.22
CA ALA A 14 0.90 -1.78 6.23
C ALA A 14 0.79 -2.33 7.65
N ARG A 15 1.15 -1.55 8.64
CA ARG A 15 1.06 -2.06 10.05
C ARG A 15 -0.22 -1.56 10.72
N LYS A 16 -0.89 -0.62 10.12
CA LYS A 16 -2.15 -0.11 10.72
C LYS A 16 -3.36 -0.82 10.08
N GLY A 17 -3.14 -1.93 9.45
CA GLY A 17 -4.27 -2.66 8.81
C GLY A 17 -4.75 -1.87 7.60
N PHE A 18 -3.96 -0.93 7.15
CA PHE A 18 -4.36 -0.11 5.97
C PHE A 18 -4.60 -1.00 4.75
N CYS A 19 -3.80 -2.02 4.57
CA CYS A 19 -3.99 -2.91 3.37
C CYS A 19 -5.17 -3.87 3.58
N ASP A 20 -5.91 -3.69 4.64
CA ASP A 20 -7.09 -4.60 4.88
C ASP A 20 -8.37 -3.78 4.92
N VAL A 21 -8.34 -2.65 5.55
CA VAL A 21 -9.58 -1.80 5.63
C VAL A 21 -9.42 -0.60 4.69
N ARG A 22 -8.33 0.09 4.79
CA ARG A 22 -8.10 1.27 3.92
C ARG A 22 -7.48 0.82 2.60
N GLN A 23 -7.28 -0.47 2.43
CA GLN A 23 -6.67 -1.00 1.18
C GLN A 23 -7.19 -0.22 -0.04
N ARG A 24 -8.37 0.32 0.05
CA ARG A 24 -8.93 1.09 -1.10
C ARG A 24 -7.89 2.04 -1.70
N LEU A 25 -7.17 2.78 -0.89
CA LEU A 25 -6.18 3.73 -1.48
C LEU A 25 -4.77 3.13 -1.51
N MET A 26 -4.58 1.95 -0.99
CA MET A 26 -3.22 1.34 -0.99
C MET A 26 -2.96 0.62 -2.31
N LYS A 27 -3.94 -0.06 -2.83
CA LYS A 27 -3.75 -0.78 -4.12
C LYS A 27 -3.00 0.10 -5.12
N ARG A 28 -3.27 1.38 -5.13
CA ARG A 28 -2.57 2.29 -6.09
C ARG A 28 -1.44 3.07 -5.40
N LEU A 29 -1.69 3.63 -4.25
CA LEU A 29 -0.64 4.43 -3.55
C LEU A 29 0.57 3.57 -3.18
N CYS A 30 0.37 2.48 -2.49
CA CYS A 30 1.55 1.64 -2.11
C CYS A 30 1.24 0.15 -2.31
N PRO A 31 1.20 -0.24 -3.55
CA PRO A 31 0.92 -1.66 -3.90
C PRO A 31 2.16 -2.53 -3.65
N ARG A 32 3.34 -1.97 -3.75
CA ARG A 32 4.56 -2.78 -3.54
C ARG A 32 4.52 -3.47 -2.17
N SER A 33 4.54 -2.72 -1.11
CA SER A 33 4.51 -3.33 0.25
C SER A 33 3.53 -4.51 0.30
N CYS A 34 2.28 -4.28 -0.01
CA CYS A 34 1.29 -5.38 0.03
C CYS A 34 1.22 -6.13 -1.30
N ASP A 35 2.09 -5.80 -2.22
CA ASP A 35 2.08 -6.49 -3.54
C ASP A 35 0.65 -6.62 -4.08
N PHE A 36 -0.07 -5.53 -4.17
CA PHE A 36 -1.46 -5.61 -4.69
C PHE A 36 -1.42 -5.68 -6.23
N CYS A 37 -0.26 -5.71 -6.81
CA CYS A 37 -0.17 -5.78 -8.30
C CYS A 37 0.55 -7.06 -8.73
N TYR A 1 -0.41 -2.19 -13.33
CA TYR A 1 1.00 -2.65 -13.14
C TYR A 1 1.82 -1.55 -12.44
N GLY A 2 2.95 -1.89 -11.91
CA GLY A 2 3.79 -0.88 -11.22
C GLY A 2 4.63 -1.56 -10.13
N CYS A 3 3.98 -2.16 -9.16
CA CYS A 3 4.75 -2.82 -8.08
C CYS A 3 5.58 -1.80 -7.29
N LEU A 4 5.26 -0.55 -7.42
CA LEU A 4 6.03 0.50 -6.69
C LEU A 4 5.09 1.43 -5.93
N ASP A 5 5.55 1.98 -4.85
CA ASP A 5 4.69 2.89 -4.04
C ASP A 5 4.67 4.30 -4.64
N ARG A 6 3.70 5.09 -4.26
CA ARG A 6 3.59 6.47 -4.80
C ARG A 6 4.02 7.49 -3.74
N ILE A 7 4.12 7.05 -2.50
CA ILE A 7 4.53 7.99 -1.42
C ILE A 7 5.50 7.29 -0.46
N PHE A 8 5.53 7.69 0.79
CA PHE A 8 6.47 7.03 1.75
C PHE A 8 5.76 6.67 3.06
N VAL A 9 4.71 7.37 3.41
CA VAL A 9 4.00 7.04 4.69
C VAL A 9 3.24 5.72 4.55
N CYS A 10 3.93 4.68 4.19
CA CYS A 10 3.27 3.35 4.05
C CYS A 10 3.57 2.49 5.27
N THR A 11 4.72 2.65 5.86
CA THR A 11 5.07 1.85 7.06
C THR A 11 3.91 1.89 8.06
N SER A 12 3.65 3.06 8.60
CA SER A 12 2.53 3.17 9.58
C SER A 12 1.28 2.48 9.02
N TRP A 13 0.89 2.82 7.82
CA TRP A 13 -0.30 2.17 7.21
C TRP A 13 -0.24 0.65 7.43
N ALA A 14 0.82 0.04 7.00
CA ALA A 14 0.95 -1.44 7.18
C ALA A 14 0.64 -1.82 8.62
N ARG A 15 1.16 -1.09 9.56
CA ARG A 15 0.90 -1.41 11.00
C ARG A 15 -0.57 -1.09 11.35
N LYS A 16 -1.29 -0.51 10.44
CA LYS A 16 -2.71 -0.17 10.72
C LYS A 16 -3.65 -1.01 9.86
N GLY A 17 -3.15 -2.06 9.26
CA GLY A 17 -4.01 -2.90 8.39
C GLY A 17 -4.48 -2.09 7.18
N PHE A 18 -3.86 -0.96 6.94
CA PHE A 18 -4.26 -0.11 5.79
C PHE A 18 -4.29 -0.93 4.50
N CYS A 19 -3.47 -1.94 4.40
CA CYS A 19 -3.46 -2.77 3.15
C CYS A 19 -4.75 -3.57 3.05
N ASP A 20 -5.52 -3.63 4.11
CA ASP A 20 -6.79 -4.40 4.07
C ASP A 20 -8.00 -3.46 4.00
N VAL A 21 -7.91 -2.33 4.65
CA VAL A 21 -9.04 -1.38 4.63
C VAL A 21 -8.91 -0.40 3.45
N ARG A 22 -7.81 0.29 3.38
CA ARG A 22 -7.58 1.26 2.27
C ARG A 22 -7.07 0.52 1.03
N GLN A 23 -6.95 -0.79 1.12
CA GLN A 23 -6.44 -1.60 -0.04
C GLN A 23 -6.77 -0.95 -1.39
N ARG A 24 -8.03 -0.83 -1.74
CA ARG A 24 -8.38 -0.22 -3.06
C ARG A 24 -7.56 1.04 -3.30
N LEU A 25 -7.17 1.72 -2.25
CA LEU A 25 -6.36 2.96 -2.42
C LEU A 25 -4.87 2.60 -2.48
N MET A 26 -4.39 1.87 -1.51
CA MET A 26 -2.94 1.48 -1.51
C MET A 26 -2.62 0.65 -2.75
N LYS A 27 -3.56 -0.13 -3.22
CA LYS A 27 -3.32 -0.97 -4.43
C LYS A 27 -2.44 -0.25 -5.44
N ARG A 28 -2.81 0.95 -5.82
CA ARG A 28 -2.01 1.72 -6.80
C ARG A 28 -1.13 2.74 -6.10
N LEU A 29 -1.27 2.88 -4.81
CA LEU A 29 -0.46 3.88 -4.06
C LEU A 29 0.76 3.20 -3.42
N CYS A 30 0.59 2.09 -2.77
CA CYS A 30 1.76 1.42 -2.13
C CYS A 30 1.64 -0.11 -2.20
N PRO A 31 1.93 -0.63 -3.36
CA PRO A 31 1.87 -2.09 -3.58
C PRO A 31 3.13 -2.75 -3.03
N ARG A 32 4.21 -2.01 -2.93
CA ARG A 32 5.48 -2.61 -2.41
C ARG A 32 5.32 -3.01 -0.94
N SER A 33 4.36 -2.42 -0.25
CA SER A 33 4.16 -2.76 1.18
C SER A 33 3.12 -3.88 1.31
N CYS A 34 1.98 -3.71 0.70
CA CYS A 34 0.92 -4.76 0.78
C CYS A 34 1.15 -5.81 -0.30
N ASP A 35 2.21 -5.67 -1.06
CA ASP A 35 2.48 -6.65 -2.14
C ASP A 35 1.24 -6.84 -3.01
N PHE A 36 0.55 -5.77 -3.30
CA PHE A 36 -0.68 -5.87 -4.14
C PHE A 36 -0.33 -6.32 -5.56
N CYS A 37 0.92 -6.36 -5.89
CA CYS A 37 1.32 -6.79 -7.26
C CYS A 37 0.73 -8.17 -7.58
N TYR A 1 6.76 -4.32 -12.21
CA TYR A 1 5.69 -3.93 -13.17
C TYR A 1 5.27 -2.47 -12.93
N GLY A 2 4.23 -2.03 -13.59
CA GLY A 2 3.79 -0.62 -13.41
C GLY A 2 3.33 -0.41 -11.97
N CYS A 3 2.89 -1.46 -11.32
CA CYS A 3 2.43 -1.32 -9.91
C CYS A 3 3.60 -0.88 -9.02
N LEU A 4 3.46 0.27 -8.40
CA LEU A 4 4.55 0.76 -7.51
C LEU A 4 4.01 1.92 -6.67
N ASP A 5 4.47 2.04 -5.45
CA ASP A 5 3.98 3.15 -4.59
C ASP A 5 4.51 4.49 -5.09
N ARG A 6 3.92 5.56 -4.66
CA ARG A 6 4.41 6.90 -5.14
C ARG A 6 4.63 7.83 -3.94
N ILE A 7 4.67 7.30 -2.76
CA ILE A 7 4.89 8.14 -1.56
C ILE A 7 5.83 7.43 -0.58
N PHE A 8 5.80 7.79 0.66
CA PHE A 8 6.70 7.12 1.65
C PHE A 8 5.95 6.85 2.95
N VAL A 9 4.81 6.21 2.86
CA VAL A 9 4.03 5.93 4.09
C VAL A 9 3.22 4.63 3.93
N CYS A 10 3.70 3.70 3.14
CA CYS A 10 2.94 2.42 2.97
C CYS A 10 3.27 1.50 4.14
N THR A 11 4.36 1.74 4.80
CA THR A 11 4.75 0.89 5.96
C THR A 11 3.97 1.32 7.21
N SER A 12 3.89 2.60 7.45
CA SER A 12 3.14 3.10 8.64
C SER A 12 1.67 2.70 8.55
N TRP A 13 1.17 2.54 7.36
CA TRP A 13 -0.26 2.14 7.19
C TRP A 13 -0.41 0.63 7.43
N ALA A 14 0.40 -0.17 6.79
CA ALA A 14 0.30 -1.64 6.96
C ALA A 14 0.07 -1.99 8.43
N ARG A 15 0.93 -1.54 9.31
CA ARG A 15 0.75 -1.86 10.76
C ARG A 15 -0.49 -1.15 11.32
N LYS A 16 -1.11 -0.33 10.53
CA LYS A 16 -2.33 0.39 11.02
C LYS A 16 -3.59 -0.23 10.41
N GLY A 17 -3.51 -1.45 9.98
CA GLY A 17 -4.70 -2.11 9.38
C GLY A 17 -5.11 -1.37 8.09
N PHE A 18 -4.16 -1.08 7.25
CA PHE A 18 -4.48 -0.35 5.99
C PHE A 18 -4.54 -1.33 4.81
N CYS A 19 -3.77 -2.39 4.85
CA CYS A 19 -3.77 -3.36 3.72
C CYS A 19 -5.05 -4.21 3.73
N ASP A 20 -5.96 -3.95 4.64
CA ASP A 20 -7.20 -4.77 4.69
C ASP A 20 -8.43 -3.90 4.42
N VAL A 21 -8.41 -2.67 4.85
CA VAL A 21 -9.60 -1.80 4.62
C VAL A 21 -9.24 -0.64 3.68
N ARG A 22 -8.02 -0.18 3.73
CA ARG A 22 -7.62 0.95 2.83
C ARG A 22 -6.90 0.41 1.60
N GLN A 23 -6.74 -0.88 1.51
CA GLN A 23 -6.04 -1.48 0.33
C GLN A 23 -6.49 -0.76 -0.96
N ARG A 24 -7.67 -0.22 -0.96
CA ARG A 24 -8.16 0.48 -2.19
C ARG A 24 -7.13 1.50 -2.67
N LEU A 25 -6.60 2.31 -1.79
CA LEU A 25 -5.59 3.32 -2.22
C LEU A 25 -4.18 2.74 -2.15
N MET A 26 -3.92 1.88 -1.21
CA MET A 26 -2.57 1.28 -1.09
C MET A 26 -2.20 0.51 -2.36
N LYS A 27 -3.11 -0.31 -2.83
CA LYS A 27 -2.84 -1.10 -4.07
C LYS A 27 -2.30 -0.20 -5.18
N ARG A 28 -2.53 1.09 -5.09
CA ARG A 28 -2.05 2.00 -6.17
C ARG A 28 -0.77 2.74 -5.74
N LEU A 29 -0.89 3.69 -4.87
CA LEU A 29 0.31 4.49 -4.45
C LEU A 29 1.09 3.82 -3.31
N CYS A 30 0.71 2.65 -2.88
CA CYS A 30 1.49 1.99 -1.78
C CYS A 30 1.21 0.49 -1.72
N PRO A 31 1.30 -0.16 -2.86
CA PRO A 31 1.07 -1.63 -2.91
C PRO A 31 2.29 -2.40 -2.41
N ARG A 32 3.45 -1.80 -2.46
CA ARG A 32 4.69 -2.50 -2.01
C ARG A 32 4.62 -2.82 -0.51
N SER A 33 3.63 -2.32 0.18
CA SER A 33 3.53 -2.60 1.64
C SER A 33 2.56 -3.75 1.91
N CYS A 34 1.65 -4.00 1.02
CA CYS A 34 0.68 -5.10 1.26
C CYS A 34 0.84 -6.19 0.19
N ASP A 35 1.91 -6.16 -0.56
CA ASP A 35 2.12 -7.19 -1.61
C ASP A 35 0.92 -7.24 -2.56
N PHE A 36 0.23 -6.15 -2.69
CA PHE A 36 -0.96 -6.12 -3.61
C PHE A 36 -0.53 -6.39 -5.05
N CYS A 37 0.72 -6.15 -5.36
CA CYS A 37 1.18 -6.39 -6.76
C CYS A 37 2.68 -6.10 -6.86
N TYR A 1 10.59 -2.48 -11.06
CA TYR A 1 9.90 -3.30 -12.10
C TYR A 1 8.75 -2.51 -12.74
N GLY A 2 7.82 -2.04 -11.94
CA GLY A 2 6.69 -1.27 -12.50
C GLY A 2 5.76 -0.80 -11.37
N CYS A 3 4.91 -1.67 -10.89
CA CYS A 3 3.98 -1.27 -9.80
C CYS A 3 4.58 -1.59 -8.43
N LEU A 4 4.34 -0.74 -7.46
CA LEU A 4 4.90 -1.00 -6.09
C LEU A 4 4.48 0.12 -5.14
N ASP A 5 4.98 1.30 -5.31
CA ASP A 5 4.61 2.40 -4.40
C ASP A 5 5.00 3.76 -5.00
N ARG A 6 4.39 4.82 -4.55
CA ARG A 6 4.74 6.16 -5.11
C ARG A 6 4.86 7.20 -3.97
N ILE A 7 5.11 6.76 -2.77
CA ILE A 7 5.24 7.72 -1.64
C ILE A 7 6.19 7.18 -0.58
N PHE A 8 6.13 7.71 0.61
CA PHE A 8 7.04 7.23 1.69
C PHE A 8 6.30 7.17 3.04
N VAL A 9 5.03 6.83 3.02
CA VAL A 9 4.27 6.76 4.28
C VAL A 9 3.49 5.45 4.38
N CYS A 10 3.74 4.54 3.47
CA CYS A 10 3.02 3.24 3.51
C CYS A 10 3.48 2.40 4.69
N THR A 11 4.76 2.36 4.94
CA THR A 11 5.28 1.57 6.09
C THR A 11 4.40 1.80 7.31
N SER A 12 4.02 3.02 7.56
CA SER A 12 3.15 3.32 8.73
C SER A 12 1.75 2.78 8.47
N TRP A 13 1.31 2.84 7.23
CA TRP A 13 -0.05 2.32 6.89
C TRP A 13 -0.13 0.83 7.20
N ALA A 14 0.71 0.03 6.58
CA ALA A 14 0.67 -1.43 6.84
C ALA A 14 0.96 -1.71 8.32
N ARG A 15 1.48 -0.75 9.01
CA ARG A 15 1.80 -0.96 10.46
C ARG A 15 0.52 -0.93 11.31
N LYS A 16 -0.60 -0.62 10.72
CA LYS A 16 -1.86 -0.60 11.51
C LYS A 16 -2.97 -1.41 10.83
N GLY A 17 -2.75 -1.83 9.61
CA GLY A 17 -3.81 -2.61 8.90
C GLY A 17 -4.34 -1.79 7.71
N PHE A 18 -3.64 -0.76 7.33
CA PHE A 18 -4.11 0.07 6.19
C PHE A 18 -4.41 -0.82 4.98
N CYS A 19 -3.48 -1.66 4.61
CA CYS A 19 -3.71 -2.56 3.43
C CYS A 19 -5.05 -3.31 3.60
N ASP A 20 -5.47 -3.56 4.80
CA ASP A 20 -6.74 -4.31 4.99
C ASP A 20 -7.96 -3.38 4.98
N VAL A 21 -8.07 -2.49 5.93
CA VAL A 21 -9.25 -1.58 5.97
C VAL A 21 -9.18 -0.55 4.84
N ARG A 22 -8.01 -0.14 4.46
CA ARG A 22 -7.90 0.86 3.35
C ARG A 22 -7.55 0.18 2.03
N GLN A 23 -7.43 -1.12 2.04
CA GLN A 23 -7.08 -1.86 0.78
C GLN A 23 -7.74 -1.23 -0.45
N ARG A 24 -8.88 -0.61 -0.29
CA ARG A 24 -9.56 0.02 -1.46
C ARG A 24 -8.77 1.25 -1.94
N LEU A 25 -8.06 1.90 -1.06
CA LEU A 25 -7.29 3.11 -1.47
C LEU A 25 -5.82 2.77 -1.69
N MET A 26 -5.24 2.02 -0.80
CA MET A 26 -3.79 1.65 -0.94
C MET A 26 -3.56 0.76 -2.16
N LYS A 27 -4.60 0.38 -2.85
CA LYS A 27 -4.43 -0.50 -4.04
C LYS A 27 -3.55 0.16 -5.11
N ARG A 28 -3.71 1.43 -5.35
CA ARG A 28 -2.90 2.09 -6.41
C ARG A 28 -1.72 2.88 -5.84
N LEU A 29 -1.97 3.82 -4.96
CA LEU A 29 -0.85 4.64 -4.40
C LEU A 29 0.24 3.77 -3.76
N CYS A 30 -0.06 2.58 -3.29
CA CYS A 30 1.02 1.76 -2.66
C CYS A 30 0.66 0.27 -2.64
N PRO A 31 0.71 -0.32 -3.79
CA PRO A 31 0.41 -1.77 -3.93
C PRO A 31 1.61 -2.60 -3.45
N ARG A 32 2.70 -1.94 -3.12
CA ARG A 32 3.92 -2.68 -2.66
C ARG A 32 3.64 -3.46 -1.38
N SER A 33 3.30 -2.77 -0.32
CA SER A 33 3.03 -3.44 0.98
C SER A 33 2.36 -4.80 0.78
N CYS A 34 1.08 -4.84 0.57
CA CYS A 34 0.38 -6.15 0.39
C CYS A 34 0.48 -6.62 -1.06
N ASP A 35 1.39 -6.08 -1.82
CA ASP A 35 1.53 -6.53 -3.24
C ASP A 35 0.16 -6.58 -3.92
N PHE A 36 -0.60 -5.53 -3.86
CA PHE A 36 -1.94 -5.54 -4.52
C PHE A 36 -1.76 -5.71 -6.03
N CYS A 37 -0.56 -5.58 -6.51
CA CYS A 37 -0.32 -5.75 -7.98
C CYS A 37 -0.47 -7.22 -8.38
N TYR A 1 4.20 -8.60 -11.55
CA TYR A 1 5.11 -7.76 -10.71
C TYR A 1 5.57 -6.53 -11.50
N GLY A 2 5.00 -5.39 -11.22
CA GLY A 2 5.41 -4.17 -11.95
C GLY A 2 4.63 -2.97 -11.40
N CYS A 3 5.01 -2.48 -10.25
CA CYS A 3 4.30 -1.31 -9.66
C CYS A 3 5.15 -0.66 -8.57
N LEU A 4 4.68 0.42 -8.00
CA LEU A 4 5.48 1.09 -6.94
C LEU A 4 4.63 2.17 -6.25
N ASP A 5 5.08 2.64 -5.13
CA ASP A 5 4.32 3.69 -4.40
C ASP A 5 4.87 5.08 -4.74
N ARG A 6 4.35 6.10 -4.11
CA ARG A 6 4.84 7.48 -4.40
C ARG A 6 4.80 8.33 -3.12
N ILE A 7 4.86 7.72 -1.97
CA ILE A 7 4.84 8.51 -0.71
C ILE A 7 5.86 7.94 0.29
N PHE A 8 5.62 8.09 1.57
CA PHE A 8 6.59 7.57 2.57
C PHE A 8 5.87 7.01 3.80
N VAL A 9 4.69 7.47 4.10
CA VAL A 9 3.96 6.96 5.29
C VAL A 9 3.54 5.49 5.11
N CYS A 10 3.80 4.94 3.94
CA CYS A 10 3.41 3.52 3.69
C CYS A 10 3.65 2.66 4.93
N THR A 11 4.85 2.66 5.45
CA THR A 11 5.15 1.83 6.66
C THR A 11 4.04 2.01 7.70
N SER A 12 3.61 3.22 7.95
CA SER A 12 2.54 3.45 8.95
C SER A 12 1.24 2.79 8.50
N TRP A 13 1.19 2.34 7.27
CA TRP A 13 -0.06 1.68 6.77
C TRP A 13 0.10 0.16 6.81
N ALA A 14 1.18 -0.35 6.27
CA ALA A 14 1.39 -1.83 6.27
C ALA A 14 1.21 -2.39 7.69
N ARG A 15 1.42 -1.57 8.70
CA ARG A 15 1.25 -2.06 10.09
C ARG A 15 -0.13 -1.69 10.63
N LYS A 16 -0.90 -0.96 9.87
CA LYS A 16 -2.25 -0.56 10.33
C LYS A 16 -3.32 -1.28 9.51
N GLY A 17 -2.99 -2.43 8.98
CA GLY A 17 -3.98 -3.18 8.16
C GLY A 17 -4.48 -2.29 7.03
N PHE A 18 -3.75 -1.26 6.70
CA PHE A 18 -4.19 -0.35 5.61
C PHE A 18 -4.47 -1.15 4.34
N CYS A 19 -3.53 -1.97 3.92
CA CYS A 19 -3.77 -2.78 2.68
C CYS A 19 -4.88 -3.79 2.95
N ASP A 20 -5.28 -3.94 4.18
CA ASP A 20 -6.37 -4.90 4.50
C ASP A 20 -7.64 -4.12 4.85
N VAL A 21 -7.50 -2.85 5.10
CA VAL A 21 -8.69 -2.01 5.45
C VAL A 21 -8.87 -0.93 4.38
N ARG A 22 -7.91 -0.07 4.21
CA ARG A 22 -8.02 1.00 3.19
C ARG A 22 -7.56 0.46 1.82
N GLN A 23 -7.21 -0.80 1.76
CA GLN A 23 -6.75 -1.43 0.48
C GLN A 23 -7.25 -0.68 -0.76
N ARG A 24 -8.52 -0.40 -0.83
CA ARG A 24 -9.05 0.33 -2.02
C ARG A 24 -8.17 1.53 -2.34
N LEU A 25 -7.73 2.24 -1.34
CA LEU A 25 -6.86 3.43 -1.59
C LEU A 25 -5.39 3.00 -1.73
N MET A 26 -4.97 2.03 -0.97
CA MET A 26 -3.55 1.58 -1.05
C MET A 26 -3.27 0.91 -2.40
N LYS A 27 -4.30 0.67 -3.18
CA LYS A 27 -4.08 0.03 -4.51
C LYS A 27 -2.94 0.72 -5.27
N ARG A 28 -3.09 1.98 -5.57
CA ARG A 28 -2.02 2.70 -6.31
C ARG A 28 -1.17 3.56 -5.35
N LEU A 29 -1.74 4.00 -4.25
CA LEU A 29 -0.96 4.84 -3.31
C LEU A 29 0.33 4.12 -2.91
N CYS A 30 0.22 2.93 -2.38
CA CYS A 30 1.45 2.18 -1.98
C CYS A 30 1.17 0.68 -2.03
N PRO A 31 1.20 0.16 -3.22
CA PRO A 31 0.95 -1.29 -3.43
C PRO A 31 2.16 -2.11 -2.96
N ARG A 32 3.32 -1.53 -2.98
CA ARG A 32 4.56 -2.27 -2.56
C ARG A 32 4.29 -3.20 -1.38
N SER A 33 4.05 -2.67 -0.21
CA SER A 33 3.81 -3.54 0.98
C SER A 33 2.92 -4.74 0.63
N CYS A 34 1.64 -4.54 0.57
CA CYS A 34 0.72 -5.69 0.26
C CYS A 34 0.94 -6.20 -1.17
N ASP A 35 1.79 -5.56 -1.94
CA ASP A 35 2.04 -6.03 -3.33
C ASP A 35 0.72 -6.11 -4.11
N PHE A 36 -0.14 -5.15 -3.92
CA PHE A 36 -1.45 -5.16 -4.65
C PHE A 36 -1.23 -5.35 -6.14
N CYS A 37 -0.08 -5.02 -6.64
CA CYS A 37 0.17 -5.19 -8.10
C CYS A 37 0.85 -6.53 -8.39
N TYR A 1 9.66 -3.33 -13.48
CA TYR A 1 8.33 -3.87 -13.08
C TYR A 1 7.51 -2.78 -12.36
N GLY A 2 6.22 -2.96 -12.26
CA GLY A 2 5.38 -1.94 -11.57
C GLY A 2 5.30 -2.27 -10.08
N CYS A 3 4.12 -2.18 -9.51
CA CYS A 3 3.99 -2.49 -8.05
C CYS A 3 4.91 -1.58 -7.23
N LEU A 4 4.73 -0.29 -7.33
CA LEU A 4 5.58 0.65 -6.57
C LEU A 4 4.70 1.70 -5.90
N ASP A 5 4.82 1.86 -4.61
CA ASP A 5 3.99 2.86 -3.90
C ASP A 5 4.20 4.25 -4.51
N ARG A 6 3.51 5.25 -4.01
CA ARG A 6 3.67 6.62 -4.58
C ARG A 6 4.03 7.61 -3.46
N ILE A 7 4.05 7.16 -2.23
CA ILE A 7 4.40 8.09 -1.12
C ILE A 7 5.25 7.35 -0.08
N PHE A 8 5.67 8.01 0.95
CA PHE A 8 6.51 7.33 1.98
C PHE A 8 5.66 6.95 3.19
N VAL A 9 4.50 7.54 3.33
CA VAL A 9 3.63 7.20 4.49
C VAL A 9 2.94 5.84 4.27
N CYS A 10 3.23 5.19 3.18
CA CYS A 10 2.59 3.86 2.91
C CYS A 10 3.28 2.77 3.74
N THR A 11 4.43 3.06 4.27
CA THR A 11 5.12 2.03 5.08
C THR A 11 4.42 1.85 6.42
N SER A 12 3.98 2.92 7.02
CA SER A 12 3.26 2.81 8.33
C SER A 12 1.89 2.19 8.09
N TRP A 13 1.27 2.48 6.98
CA TRP A 13 -0.07 1.90 6.67
C TRP A 13 0.01 0.37 6.69
N ALA A 14 0.89 -0.18 5.91
CA ALA A 14 1.03 -1.67 5.85
C ALA A 14 1.22 -2.24 7.27
N ARG A 15 2.04 -1.61 8.07
CA ARG A 15 2.27 -2.14 9.44
C ARG A 15 1.14 -1.70 10.38
N LYS A 16 0.18 -0.98 9.88
CA LYS A 16 -0.94 -0.52 10.75
C LYS A 16 -2.28 -1.09 10.25
N GLY A 17 -2.26 -2.23 9.63
CA GLY A 17 -3.53 -2.82 9.14
C GLY A 17 -4.24 -1.82 8.23
N PHE A 18 -3.52 -1.22 7.33
CA PHE A 18 -4.14 -0.23 6.41
C PHE A 18 -4.40 -0.87 5.04
N CYS A 19 -3.58 -1.82 4.68
CA CYS A 19 -3.75 -2.49 3.36
C CYS A 19 -5.22 -2.93 3.17
N ASP A 20 -5.69 -3.82 4.01
CA ASP A 20 -7.10 -4.29 3.88
C ASP A 20 -8.09 -3.18 4.23
N VAL A 21 -7.77 -2.36 5.19
CA VAL A 21 -8.71 -1.28 5.59
C VAL A 21 -8.80 -0.22 4.49
N ARG A 22 -7.68 0.25 4.02
CA ARG A 22 -7.69 1.30 2.96
C ARG A 22 -7.42 0.66 1.58
N GLN A 23 -7.27 -0.64 1.54
CA GLN A 23 -7.00 -1.37 0.26
C GLN A 23 -7.44 -0.56 -0.97
N ARG A 24 -8.70 -0.26 -1.06
CA ARG A 24 -9.20 0.51 -2.24
C ARG A 24 -8.29 1.71 -2.54
N LEU A 25 -7.87 2.42 -1.52
CA LEU A 25 -6.99 3.60 -1.76
C LEU A 25 -5.52 3.19 -1.64
N MET A 26 -5.22 2.25 -0.79
CA MET A 26 -3.80 1.82 -0.62
C MET A 26 -3.39 0.83 -1.72
N LYS A 27 -4.18 0.69 -2.76
CA LYS A 27 -3.83 -0.27 -3.84
C LYS A 27 -3.06 0.46 -4.96
N ARG A 28 -3.28 1.74 -5.12
CA ARG A 28 -2.58 2.49 -6.20
C ARG A 28 -1.38 3.27 -5.65
N LEU A 29 -1.21 3.31 -4.36
CA LEU A 29 -0.06 4.08 -3.79
C LEU A 29 0.82 3.21 -2.89
N CYS A 30 0.46 1.97 -2.69
CA CYS A 30 1.31 1.10 -1.81
C CYS A 30 1.04 -0.38 -2.08
N PRO A 31 1.09 -0.74 -3.33
CA PRO A 31 0.85 -2.15 -3.73
C PRO A 31 2.08 -3.00 -3.38
N ARG A 32 3.10 -2.40 -2.84
CA ARG A 32 4.33 -3.17 -2.49
C ARG A 32 4.28 -3.63 -1.03
N SER A 33 3.52 -2.97 -0.20
CA SER A 33 3.47 -3.38 1.24
C SER A 33 2.20 -4.21 1.51
N CYS A 34 1.36 -4.37 0.53
CA CYS A 34 0.11 -5.15 0.75
C CYS A 34 -0.03 -6.25 -0.31
N ASP A 35 0.96 -6.43 -1.13
CA ASP A 35 0.88 -7.48 -2.18
C ASP A 35 -0.29 -7.21 -3.13
N PHE A 36 -0.74 -5.98 -3.22
CA PHE A 36 -1.88 -5.68 -4.14
C PHE A 36 -1.48 -6.00 -5.59
N CYS A 37 -0.27 -5.69 -5.97
CA CYS A 37 0.16 -5.99 -7.36
C CYS A 37 0.37 -7.50 -7.53
N TYR A 1 9.67 -2.58 -11.87
CA TYR A 1 8.52 -1.77 -12.34
C TYR A 1 7.20 -2.50 -12.08
N GLY A 2 6.10 -1.90 -12.47
CA GLY A 2 4.78 -2.56 -12.23
C GLY A 2 4.30 -2.26 -10.81
N CYS A 3 3.20 -1.58 -10.68
CA CYS A 3 2.67 -1.26 -9.32
C CYS A 3 3.77 -0.65 -8.45
N LEU A 4 3.73 0.65 -8.26
CA LEU A 4 4.78 1.31 -7.42
C LEU A 4 4.14 2.31 -6.47
N ASP A 5 4.53 2.28 -5.23
CA ASP A 5 3.95 3.22 -4.24
C ASP A 5 4.06 4.66 -4.74
N ARG A 6 3.10 5.49 -4.41
CA ARG A 6 3.15 6.91 -4.88
C ARG A 6 3.71 7.80 -3.77
N ILE A 7 4.02 7.24 -2.63
CA ILE A 7 4.58 8.05 -1.51
C ILE A 7 5.63 7.25 -0.74
N PHE A 8 5.93 7.63 0.46
CA PHE A 8 6.95 6.88 1.25
C PHE A 8 6.42 6.55 2.65
N VAL A 9 5.31 5.86 2.73
CA VAL A 9 4.75 5.50 4.07
C VAL A 9 3.90 4.23 3.97
N CYS A 10 4.00 3.49 2.88
CA CYS A 10 3.19 2.25 2.76
C CYS A 10 3.44 1.35 3.97
N THR A 11 4.55 1.53 4.63
CA THR A 11 4.85 0.70 5.82
C THR A 11 3.94 1.10 6.98
N SER A 12 4.10 2.29 7.49
CA SER A 12 3.25 2.75 8.62
C SER A 12 1.79 2.37 8.34
N TRP A 13 1.33 2.57 7.13
CA TRP A 13 -0.07 2.20 6.81
C TRP A 13 -0.30 0.70 7.04
N ALA A 14 0.57 -0.12 6.52
CA ALA A 14 0.42 -1.59 6.71
C ALA A 14 0.56 -1.92 8.20
N ARG A 15 1.10 -1.02 8.97
CA ARG A 15 1.27 -1.28 10.42
C ARG A 15 0.06 -0.75 11.20
N LYS A 16 -0.90 -0.19 10.51
CA LYS A 16 -2.10 0.35 11.23
C LYS A 16 -3.39 -0.20 10.60
N GLY A 17 -3.26 -1.08 9.64
CA GLY A 17 -4.47 -1.64 8.99
C GLY A 17 -4.91 -0.71 7.86
N PHE A 18 -4.08 -0.53 6.88
CA PHE A 18 -4.45 0.37 5.75
C PHE A 18 -4.55 -0.43 4.45
N CYS A 19 -3.79 -1.49 4.33
CA CYS A 19 -3.88 -2.31 3.08
C CYS A 19 -4.96 -3.38 3.26
N ASP A 20 -5.71 -3.29 4.33
CA ASP A 20 -6.80 -4.29 4.56
C ASP A 20 -8.15 -3.57 4.56
N VAL A 21 -8.32 -2.59 5.42
CA VAL A 21 -9.60 -1.83 5.45
C VAL A 21 -9.51 -0.67 4.47
N ARG A 22 -8.36 -0.07 4.35
CA ARG A 22 -8.20 1.06 3.40
C ARG A 22 -7.58 0.54 2.10
N GLN A 23 -7.31 -0.74 2.03
CA GLN A 23 -6.69 -1.33 0.80
C GLN A 23 -7.21 -0.65 -0.46
N ARG A 24 -8.43 -0.18 -0.44
CA ARG A 24 -8.98 0.50 -1.66
C ARG A 24 -7.98 1.54 -2.17
N LEU A 25 -7.31 2.22 -1.27
CA LEU A 25 -6.33 3.26 -1.71
C LEU A 25 -4.90 2.73 -1.63
N MET A 26 -4.64 1.79 -0.76
CA MET A 26 -3.27 1.24 -0.64
C MET A 26 -2.95 0.27 -1.79
N LYS A 27 -3.85 0.12 -2.73
CA LYS A 27 -3.60 -0.82 -3.86
C LYS A 27 -2.76 -0.14 -4.95
N ARG A 28 -2.93 1.14 -5.15
CA ARG A 28 -2.16 1.84 -6.22
C ARG A 28 -0.96 2.61 -5.65
N LEU A 29 -1.19 3.51 -4.74
CA LEU A 29 -0.04 4.32 -4.19
C LEU A 29 0.75 3.55 -3.14
N CYS A 30 0.45 2.31 -2.90
CA CYS A 30 1.23 1.54 -1.88
C CYS A 30 1.06 0.02 -2.07
N PRO A 31 1.28 -0.43 -3.28
CA PRO A 31 1.14 -1.87 -3.59
C PRO A 31 2.42 -2.65 -3.24
N ARG A 32 3.43 -1.98 -2.78
CA ARG A 32 4.70 -2.69 -2.44
C ARG A 32 4.71 -3.17 -0.99
N SER A 33 3.71 -2.82 -0.23
CA SER A 33 3.68 -3.25 1.20
C SER A 33 2.76 -4.47 1.36
N CYS A 34 1.55 -4.37 0.90
CA CYS A 34 0.59 -5.51 1.04
C CYS A 34 0.75 -6.48 -0.14
N ASP A 35 1.63 -6.19 -1.06
CA ASP A 35 1.83 -7.11 -2.22
C ASP A 35 0.58 -7.12 -3.10
N PHE A 36 0.11 -5.98 -3.50
CA PHE A 36 -1.11 -5.94 -4.36
C PHE A 36 -0.73 -6.13 -5.84
N CYS A 37 0.44 -6.64 -6.10
CA CYS A 37 0.86 -6.87 -7.51
C CYS A 37 1.81 -8.06 -7.59
N TYR A 1 2.79 -4.48 -16.19
CA TYR A 1 2.44 -3.23 -15.48
C TYR A 1 3.37 -3.02 -14.29
N GLY A 2 4.27 -2.08 -14.38
CA GLY A 2 5.22 -1.82 -13.26
C GLY A 2 4.44 -1.46 -11.99
N CYS A 3 4.95 -1.82 -10.85
CA CYS A 3 4.25 -1.50 -9.58
C CYS A 3 5.26 -1.09 -8.50
N LEU A 4 5.03 0.01 -7.84
CA LEU A 4 5.98 0.46 -6.78
C LEU A 4 5.32 1.51 -5.89
N ASP A 5 5.83 1.70 -4.72
CA ASP A 5 5.24 2.69 -3.79
C ASP A 5 5.35 4.11 -4.35
N ARG A 6 4.28 4.85 -4.31
CA ARG A 6 4.31 6.24 -4.83
C ARG A 6 4.42 7.25 -3.68
N ILE A 7 4.45 6.76 -2.47
CA ILE A 7 4.55 7.68 -1.30
C ILE A 7 5.56 7.14 -0.29
N PHE A 8 5.47 7.53 0.95
CA PHE A 8 6.45 7.04 1.96
C PHE A 8 5.75 6.80 3.30
N VAL A 9 4.46 6.94 3.35
CA VAL A 9 3.74 6.70 4.65
C VAL A 9 3.28 5.25 4.71
N CYS A 10 3.78 4.42 3.83
CA CYS A 10 3.37 2.98 3.84
C CYS A 10 3.59 2.39 5.24
N THR A 11 4.76 2.57 5.80
CA THR A 11 5.01 2.01 7.15
C THR A 11 3.86 2.37 8.10
N SER A 12 3.42 3.59 8.06
CA SER A 12 2.31 4.01 8.95
C SER A 12 1.01 3.28 8.57
N TRP A 13 0.71 3.23 7.30
CA TRP A 13 -0.53 2.54 6.85
C TRP A 13 -0.47 1.04 7.20
N ALA A 14 0.54 0.35 6.72
CA ALA A 14 0.66 -1.10 7.02
C ALA A 14 0.62 -1.35 8.53
N ARG A 15 0.84 -0.34 9.31
CA ARG A 15 0.82 -0.51 10.80
C ARG A 15 -0.60 -0.38 11.34
N LYS A 16 -1.56 -0.12 10.48
CA LYS A 16 -2.96 0.01 10.96
C LYS A 16 -3.89 -0.89 10.15
N GLY A 17 -3.35 -1.80 9.39
CA GLY A 17 -4.21 -2.72 8.57
C GLY A 17 -4.65 -2.01 7.29
N PHE A 18 -3.93 -1.00 6.89
CA PHE A 18 -4.31 -0.27 5.64
C PHE A 18 -4.36 -1.24 4.46
N CYS A 19 -3.65 -2.33 4.53
CA CYS A 19 -3.66 -3.32 3.40
C CYS A 19 -5.00 -4.03 3.36
N ASP A 20 -5.86 -3.78 4.31
CA ASP A 20 -7.18 -4.46 4.32
C ASP A 20 -8.30 -3.41 4.22
N VAL A 21 -8.69 -2.84 5.32
CA VAL A 21 -9.78 -1.82 5.30
C VAL A 21 -9.49 -0.77 4.22
N ARG A 22 -8.27 -0.31 4.12
CA ARG A 22 -7.93 0.71 3.10
C ARG A 22 -7.27 0.05 1.88
N GLN A 23 -7.14 -1.24 1.90
CA GLN A 23 -6.49 -1.96 0.76
C GLN A 23 -6.84 -1.32 -0.60
N ARG A 24 -7.97 -0.67 -0.71
CA ARG A 24 -8.33 -0.04 -2.01
C ARG A 24 -7.51 1.21 -2.28
N LEU A 25 -6.73 1.64 -1.32
CA LEU A 25 -5.90 2.86 -1.52
C LEU A 25 -4.45 2.47 -1.84
N MET A 26 -3.76 1.91 -0.88
CA MET A 26 -2.35 1.51 -1.12
C MET A 26 -2.22 0.77 -2.46
N LYS A 27 -3.10 -0.16 -2.73
CA LYS A 27 -3.04 -0.91 -4.01
C LYS A 27 -2.72 0.05 -5.16
N ARG A 28 -3.07 1.31 -5.02
CA ARG A 28 -2.78 2.28 -6.10
C ARG A 28 -1.54 3.11 -5.77
N LEU A 29 -1.25 3.30 -4.51
CA LEU A 29 -0.06 4.12 -4.14
C LEU A 29 1.08 3.23 -3.62
N CYS A 30 0.82 2.43 -2.62
CA CYS A 30 1.91 1.57 -2.08
C CYS A 30 1.52 0.09 -2.16
N PRO A 31 1.77 -0.48 -3.29
CA PRO A 31 1.45 -1.92 -3.51
C PRO A 31 2.58 -2.79 -2.97
N ARG A 32 3.68 -2.21 -2.62
CA ARG A 32 4.84 -3.01 -2.10
C ARG A 32 4.54 -3.50 -0.68
N SER A 33 4.18 -2.62 0.20
CA SER A 33 3.89 -3.03 1.60
C SER A 33 2.93 -4.21 1.62
N CYS A 34 1.78 -4.09 1.01
CA CYS A 34 0.80 -5.20 1.00
C CYS A 34 1.03 -6.09 -0.22
N ASP A 35 1.94 -5.72 -1.08
CA ASP A 35 2.21 -6.55 -2.30
C ASP A 35 0.93 -6.68 -3.12
N PHE A 36 0.27 -5.59 -3.40
CA PHE A 36 -0.99 -5.66 -4.20
C PHE A 36 -0.66 -5.86 -5.68
N CYS A 37 0.58 -5.74 -6.06
CA CYS A 37 0.95 -5.91 -7.50
C CYS A 37 1.43 -7.34 -7.74
N TYR A 1 -0.06 -0.24 -14.12
CA TYR A 1 1.29 -0.54 -13.54
C TYR A 1 1.35 -0.06 -12.09
N GLY A 2 1.61 -0.95 -11.17
CA GLY A 2 1.69 -0.54 -9.74
C GLY A 2 2.45 -1.60 -8.95
N CYS A 3 3.76 -1.61 -9.04
CA CYS A 3 4.55 -2.62 -8.30
C CYS A 3 5.40 -1.95 -7.22
N LEU A 4 5.53 -0.64 -7.28
CA LEU A 4 6.33 0.06 -6.24
C LEU A 4 5.47 1.12 -5.53
N ASP A 5 5.87 1.48 -4.34
CA ASP A 5 5.10 2.49 -3.57
C ASP A 5 5.12 3.85 -4.25
N ARG A 6 4.25 4.75 -3.84
CA ARG A 6 4.23 6.09 -4.48
C ARG A 6 4.75 7.15 -3.51
N ILE A 7 4.97 6.78 -2.27
CA ILE A 7 5.47 7.79 -1.28
C ILE A 7 6.36 7.10 -0.24
N PHE A 8 6.57 7.72 0.89
CA PHE A 8 7.43 7.11 1.93
C PHE A 8 6.63 6.88 3.22
N VAL A 9 5.35 6.69 3.12
CA VAL A 9 4.52 6.47 4.34
C VAL A 9 3.71 5.19 4.20
N CYS A 10 3.96 4.42 3.17
CA CYS A 10 3.20 3.16 2.96
C CYS A 10 3.31 2.28 4.21
N THR A 11 4.48 2.20 4.79
CA THR A 11 4.65 1.36 6.01
C THR A 11 3.68 1.81 7.11
N SER A 12 3.71 3.06 7.46
CA SER A 12 2.79 3.57 8.52
C SER A 12 1.36 3.12 8.21
N TRP A 13 1.05 2.89 6.96
CA TRP A 13 -0.32 2.46 6.59
C TRP A 13 -0.46 0.95 6.79
N ALA A 14 0.47 0.18 6.30
CA ALA A 14 0.39 -1.30 6.46
C ALA A 14 0.37 -1.66 7.95
N ARG A 15 0.72 -0.74 8.80
CA ARG A 15 0.73 -1.04 10.27
C ARG A 15 -0.57 -0.53 10.91
N LYS A 16 -1.40 0.13 10.15
CA LYS A 16 -2.67 0.65 10.72
C LYS A 16 -3.87 -0.01 10.05
N GLY A 17 -3.63 -0.95 9.17
CA GLY A 17 -4.76 -1.63 8.49
C GLY A 17 -5.14 -0.86 7.23
N PHE A 18 -4.18 -0.52 6.43
CA PHE A 18 -4.47 0.24 5.18
C PHE A 18 -4.42 -0.71 3.98
N CYS A 19 -3.54 -1.68 4.02
CA CYS A 19 -3.45 -2.65 2.90
C CYS A 19 -4.65 -3.61 2.95
N ASP A 20 -5.46 -3.49 3.98
CA ASP A 20 -6.64 -4.38 4.11
C ASP A 20 -7.93 -3.59 3.88
N VAL A 21 -8.48 -3.01 4.92
CA VAL A 21 -9.74 -2.23 4.75
C VAL A 21 -9.56 -1.14 3.69
N ARG A 22 -8.40 -0.53 3.64
CA ARG A 22 -8.18 0.53 2.62
C ARG A 22 -7.47 -0.06 1.40
N GLN A 23 -7.21 -1.34 1.43
CA GLN A 23 -6.51 -2.02 0.30
C GLN A 23 -6.88 -1.38 -1.06
N ARG A 24 -8.14 -1.11 -1.27
CA ARG A 24 -8.55 -0.51 -2.57
C ARG A 24 -7.64 0.67 -2.95
N LEU A 25 -7.07 1.32 -1.98
CA LEU A 25 -6.18 2.48 -2.28
C LEU A 25 -4.71 2.06 -2.29
N MET A 26 -4.30 1.23 -1.36
CA MET A 26 -2.88 0.79 -1.32
C MET A 26 -2.45 0.25 -2.68
N LYS A 27 -3.25 -0.61 -3.26
CA LYS A 27 -2.87 -1.19 -4.59
C LYS A 27 -2.45 -0.09 -5.56
N ARG A 28 -2.95 1.11 -5.39
CA ARG A 28 -2.57 2.20 -6.32
C ARG A 28 -1.47 3.09 -5.71
N LEU A 29 -1.60 3.42 -4.46
CA LEU A 29 -0.58 4.29 -3.82
C LEU A 29 0.62 3.47 -3.31
N CYS A 30 0.37 2.43 -2.56
CA CYS A 30 1.51 1.64 -2.02
C CYS A 30 1.27 0.13 -2.21
N PRO A 31 1.64 -0.37 -3.36
CA PRO A 31 1.49 -1.81 -3.64
C PRO A 31 2.64 -2.59 -3.00
N ARG A 32 3.76 -1.95 -2.82
CA ARG A 32 4.94 -2.62 -2.20
C ARG A 32 4.66 -2.94 -0.73
N SER A 33 3.70 -2.27 -0.15
CA SER A 33 3.38 -2.53 1.29
C SER A 33 2.96 -3.99 1.51
N CYS A 34 1.81 -4.36 1.03
CA CYS A 34 1.36 -5.77 1.23
C CYS A 34 1.66 -6.61 -0.02
N ASP A 35 2.79 -6.39 -0.63
CA ASP A 35 3.14 -7.19 -1.84
C ASP A 35 2.01 -7.17 -2.88
N PHE A 36 1.26 -6.10 -2.94
CA PHE A 36 0.16 -6.05 -3.94
C PHE A 36 0.68 -6.50 -5.32
N CYS A 37 1.95 -6.38 -5.54
CA CYS A 37 2.52 -6.81 -6.85
C CYS A 37 2.87 -8.30 -6.82
N TYR A 1 1.98 -4.83 -14.23
CA TYR A 1 3.27 -4.26 -14.71
C TYR A 1 3.69 -3.07 -13.84
N GLY A 2 2.81 -2.14 -13.61
CA GLY A 2 3.15 -0.97 -12.77
C GLY A 2 2.87 -1.29 -11.30
N CYS A 3 3.87 -1.71 -10.57
CA CYS A 3 3.66 -2.06 -9.14
C CYS A 3 4.67 -1.30 -8.27
N LEU A 4 4.27 -0.20 -7.69
CA LEU A 4 5.21 0.59 -6.84
C LEU A 4 4.44 1.59 -5.98
N ASP A 5 5.08 2.16 -5.00
CA ASP A 5 4.39 3.15 -4.13
C ASP A 5 4.77 4.57 -4.55
N ARG A 6 4.29 5.57 -3.87
CA ARG A 6 4.63 6.96 -4.26
C ARG A 6 4.95 7.81 -3.02
N ILE A 7 5.12 7.20 -1.88
CA ILE A 7 5.43 7.97 -0.64
C ILE A 7 6.08 7.08 0.40
N PHE A 8 6.68 7.66 1.40
CA PHE A 8 7.34 6.83 2.46
C PHE A 8 6.38 6.64 3.64
N VAL A 9 5.14 6.36 3.36
CA VAL A 9 4.15 6.16 4.46
C VAL A 9 3.39 4.84 4.24
N CYS A 10 3.84 4.01 3.33
CA CYS A 10 3.15 2.71 3.09
C CYS A 10 3.24 1.84 4.35
N THR A 11 4.43 1.55 4.79
CA THR A 11 4.58 0.70 6.01
C THR A 11 3.65 1.19 7.11
N SER A 12 3.73 2.45 7.45
CA SER A 12 2.84 2.98 8.52
C SER A 12 1.39 2.58 8.26
N TRP A 13 0.97 2.61 7.02
CA TRP A 13 -0.43 2.22 6.69
C TRP A 13 -0.63 0.73 6.95
N ALA A 14 0.30 -0.08 6.53
CA ALA A 14 0.17 -1.55 6.75
C ALA A 14 -0.18 -1.84 8.22
N ARG A 15 0.46 -1.17 9.13
CA ARG A 15 0.17 -1.39 10.57
C ARG A 15 -1.05 -0.57 11.00
N LYS A 16 -1.46 0.36 10.20
CA LYS A 16 -2.64 1.20 10.55
C LYS A 16 -3.92 0.55 10.03
N GLY A 17 -3.83 -0.64 9.52
CA GLY A 17 -5.05 -1.33 8.99
C GLY A 17 -5.43 -0.67 7.67
N PHE A 18 -4.47 -0.44 6.82
CA PHE A 18 -4.76 0.22 5.52
C PHE A 18 -4.61 -0.78 4.37
N CYS A 19 -3.80 -1.78 4.55
CA CYS A 19 -3.59 -2.77 3.45
C CYS A 19 -4.74 -3.79 3.41
N ASP A 20 -5.47 -3.94 4.48
CA ASP A 20 -6.58 -4.93 4.48
C ASP A 20 -7.94 -4.22 4.59
N VAL A 21 -7.97 -3.08 5.23
CA VAL A 21 -9.26 -2.34 5.36
C VAL A 21 -9.39 -1.32 4.22
N ARG A 22 -8.35 -0.59 3.94
CA ARG A 22 -8.41 0.42 2.85
C ARG A 22 -7.85 -0.16 1.54
N GLN A 23 -7.46 -1.41 1.56
CA GLN A 23 -6.88 -2.09 0.34
C GLN A 23 -7.26 -1.36 -0.96
N ARG A 24 -8.52 -1.05 -1.15
CA ARG A 24 -8.94 -0.36 -2.41
C ARG A 24 -8.01 0.82 -2.72
N LEU A 25 -7.46 1.44 -1.71
CA LEU A 25 -6.57 2.62 -1.96
C LEU A 25 -5.09 2.23 -1.90
N MET A 26 -4.73 1.27 -1.08
CA MET A 26 -3.29 0.87 -0.98
C MET A 26 -2.87 -0.02 -2.16
N LYS A 27 -3.33 0.29 -3.35
CA LYS A 27 -2.95 -0.55 -4.52
C LYS A 27 -2.05 0.21 -5.49
N ARG A 28 -2.35 1.46 -5.75
CA ARG A 28 -1.54 2.23 -6.74
C ARG A 28 -0.54 3.18 -6.07
N LEU A 29 -0.70 3.48 -4.81
CA LEU A 29 0.24 4.44 -4.16
C LEU A 29 1.19 3.75 -3.17
N CYS A 30 0.86 2.60 -2.65
CA CYS A 30 1.79 1.94 -1.69
C CYS A 30 1.64 0.41 -1.75
N PRO A 31 1.75 -0.13 -2.93
CA PRO A 31 1.64 -1.60 -3.10
C PRO A 31 2.98 -2.28 -2.75
N ARG A 32 3.99 -1.51 -2.48
CA ARG A 32 5.32 -2.11 -2.14
C ARG A 32 5.34 -2.64 -0.70
N SER A 33 4.85 -1.88 0.23
CA SER A 33 4.86 -2.33 1.66
C SER A 33 3.96 -3.55 1.86
N CYS A 34 3.03 -3.78 0.97
CA CYS A 34 2.12 -4.94 1.14
C CYS A 34 2.12 -5.84 -0.10
N ASP A 35 2.84 -5.46 -1.11
CA ASP A 35 2.91 -6.31 -2.34
C ASP A 35 1.53 -6.46 -3.00
N PHE A 36 0.74 -5.41 -3.04
CA PHE A 36 -0.59 -5.53 -3.70
C PHE A 36 -0.42 -6.16 -5.09
N CYS A 37 0.70 -5.93 -5.72
CA CYS A 37 0.93 -6.51 -7.07
C CYS A 37 1.51 -7.94 -6.94
N TYR A 1 6.79 -3.48 -13.75
CA TYR A 1 6.50 -4.49 -12.69
C TYR A 1 5.12 -4.21 -12.07
N GLY A 2 4.77 -2.97 -11.93
CA GLY A 2 3.45 -2.63 -11.33
C GLY A 2 3.58 -2.41 -9.83
N CYS A 3 4.59 -2.99 -9.23
CA CYS A 3 4.79 -2.82 -7.77
C CYS A 3 5.56 -1.54 -7.47
N LEU A 4 4.87 -0.43 -7.39
CA LEU A 4 5.56 0.86 -7.10
C LEU A 4 4.63 1.78 -6.30
N ASP A 5 5.12 2.35 -5.24
CA ASP A 5 4.26 3.24 -4.40
C ASP A 5 4.34 4.68 -4.92
N ARG A 6 3.56 5.56 -4.36
CA ARG A 6 3.60 6.98 -4.82
C ARG A 6 3.85 7.92 -3.63
N ILE A 7 4.23 7.38 -2.51
CA ILE A 7 4.50 8.23 -1.33
C ILE A 7 5.53 7.55 -0.41
N PHE A 8 5.62 7.97 0.82
CA PHE A 8 6.60 7.32 1.75
C PHE A 8 5.92 6.93 3.07
N VAL A 9 4.77 6.32 2.99
CA VAL A 9 4.07 5.90 4.23
C VAL A 9 3.33 4.59 4.00
N CYS A 10 3.89 3.72 3.21
CA CYS A 10 3.22 2.40 2.95
C CYS A 10 3.43 1.49 4.16
N THR A 11 4.64 1.38 4.61
CA THR A 11 4.93 0.50 5.79
C THR A 11 4.08 0.94 6.99
N SER A 12 4.24 2.16 7.41
CA SER A 12 3.43 2.65 8.57
C SER A 12 1.96 2.31 8.37
N TRP A 13 1.48 2.47 7.16
CA TRP A 13 0.05 2.15 6.88
C TRP A 13 -0.23 0.67 7.14
N ALA A 14 0.61 -0.20 6.66
CA ALA A 14 0.39 -1.66 6.86
C ALA A 14 0.40 -2.00 8.36
N ARG A 15 1.08 -1.22 9.14
CA ARG A 15 1.13 -1.52 10.61
C ARG A 15 -0.22 -1.18 11.26
N LYS A 16 -1.13 -0.62 10.51
CA LYS A 16 -2.46 -0.28 11.09
C LYS A 16 -3.57 -1.06 10.36
N GLY A 17 -3.29 -1.56 9.19
CA GLY A 17 -4.32 -2.33 8.44
C GLY A 17 -4.74 -1.54 7.20
N PHE A 18 -4.08 -0.44 6.93
CA PHE A 18 -4.44 0.37 5.72
C PHE A 18 -4.52 -0.51 4.48
N CYS A 19 -3.58 -1.40 4.29
CA CYS A 19 -3.62 -2.29 3.09
C CYS A 19 -4.62 -3.42 3.32
N ASP A 20 -5.35 -3.37 4.40
CA ASP A 20 -6.37 -4.43 4.67
C ASP A 20 -7.75 -3.78 4.85
N VAL A 21 -7.77 -2.57 5.36
CA VAL A 21 -9.07 -1.86 5.55
C VAL A 21 -9.35 -0.97 4.34
N ARG A 22 -8.48 -0.02 4.07
CA ARG A 22 -8.66 0.87 2.90
C ARG A 22 -7.92 0.30 1.68
N GLN A 23 -7.31 -0.84 1.85
CA GLN A 23 -6.53 -1.51 0.75
C GLN A 23 -6.92 -1.02 -0.65
N ARG A 24 -8.19 -0.85 -0.93
CA ARG A 24 -8.59 -0.39 -2.30
C ARG A 24 -7.89 0.94 -2.64
N LEU A 25 -7.35 1.59 -1.65
CA LEU A 25 -6.65 2.89 -1.90
C LEU A 25 -5.14 2.67 -2.02
N MET A 26 -4.55 1.97 -1.09
CA MET A 26 -3.09 1.72 -1.14
C MET A 26 -2.74 0.97 -2.43
N LYS A 27 -3.72 0.43 -3.10
CA LYS A 27 -3.46 -0.32 -4.36
C LYS A 27 -2.51 0.49 -5.26
N ARG A 28 -2.88 1.69 -5.59
CA ARG A 28 -2.01 2.53 -6.46
C ARG A 28 -1.17 3.49 -5.62
N LEU A 29 -1.49 3.63 -4.36
CA LEU A 29 -0.72 4.55 -3.48
C LEU A 29 0.51 3.86 -2.88
N CYS A 30 0.37 2.62 -2.50
CA CYS A 30 1.53 1.91 -1.88
C CYS A 30 1.38 0.39 -2.05
N PRO A 31 1.58 -0.07 -3.25
CA PRO A 31 1.47 -1.51 -3.54
C PRO A 31 2.75 -2.26 -3.15
N ARG A 32 3.77 -1.54 -2.75
CA ARG A 32 5.05 -2.21 -2.37
C ARG A 32 4.96 -2.80 -0.96
N SER A 33 4.12 -2.25 -0.12
CA SER A 33 4.00 -2.78 1.26
C SER A 33 3.15 -4.05 1.29
N CYS A 34 1.89 -3.95 0.96
CA CYS A 34 1.00 -5.14 0.99
C CYS A 34 1.10 -5.93 -0.33
N ASP A 35 1.70 -5.35 -1.34
CA ASP A 35 1.83 -6.05 -2.65
C ASP A 35 0.47 -6.12 -3.35
N PHE A 36 -0.04 -5.01 -3.79
CA PHE A 36 -1.35 -5.02 -4.50
C PHE A 36 -1.14 -5.42 -5.96
N CYS A 37 0.07 -5.79 -6.32
CA CYS A 37 0.33 -6.20 -7.73
C CYS A 37 -0.49 -7.44 -8.10
N TYR A 1 1.01 -2.94 -16.07
CA TYR A 1 1.54 -3.90 -15.08
C TYR A 1 2.55 -3.22 -14.15
N GLY A 2 3.09 -2.12 -14.57
CA GLY A 2 4.09 -1.39 -13.73
C GLY A 2 3.41 -0.87 -12.46
N CYS A 3 3.65 -1.50 -11.35
CA CYS A 3 3.02 -1.02 -10.08
C CYS A 3 4.10 -0.61 -9.08
N LEU A 4 3.79 0.29 -8.19
CA LEU A 4 4.82 0.73 -7.20
C LEU A 4 4.20 1.70 -6.19
N ASP A 5 4.95 2.05 -5.18
CA ASP A 5 4.42 2.98 -4.15
C ASP A 5 4.72 4.43 -4.54
N ARG A 6 3.74 5.29 -4.46
CA ARG A 6 3.97 6.72 -4.82
C ARG A 6 4.34 7.53 -3.57
N ILE A 7 4.17 6.96 -2.42
CA ILE A 7 4.52 7.71 -1.16
C ILE A 7 5.52 6.90 -0.35
N PHE A 8 5.56 7.11 0.94
CA PHE A 8 6.50 6.35 1.80
C PHE A 8 5.81 5.88 3.09
N VAL A 9 4.56 6.19 3.24
CA VAL A 9 3.82 5.76 4.47
C VAL A 9 3.18 4.38 4.24
N CYS A 10 3.67 3.65 3.28
CA CYS A 10 3.09 2.31 3.01
C CYS A 10 3.13 1.46 4.29
N THR A 11 4.22 1.51 5.00
CA THR A 11 4.32 0.71 6.25
C THR A 11 3.51 1.39 7.36
N SER A 12 3.67 2.67 7.53
CA SER A 12 2.90 3.39 8.59
C SER A 12 1.40 3.14 8.38
N TRP A 13 1.02 2.77 7.20
CA TRP A 13 -0.42 2.51 6.92
C TRP A 13 -0.76 1.05 7.24
N ALA A 14 0.01 0.14 6.74
CA ALA A 14 -0.27 -1.31 7.01
C ALA A 14 -0.23 -1.59 8.51
N ARG A 15 0.31 -0.68 9.28
CA ARG A 15 0.38 -0.89 10.75
C ARG A 15 -0.94 -0.48 11.41
N LYS A 16 -1.83 0.11 10.67
CA LYS A 16 -3.13 0.53 11.25
C LYS A 16 -4.28 -0.18 10.54
N GLY A 17 -3.97 -1.07 9.62
CA GLY A 17 -5.04 -1.79 8.89
C GLY A 17 -5.37 -1.05 7.59
N PHE A 18 -4.36 -0.55 6.92
CA PHE A 18 -4.61 0.19 5.65
C PHE A 18 -4.53 -0.76 4.45
N CYS A 19 -3.92 -1.91 4.64
CA CYS A 19 -3.79 -2.87 3.50
C CYS A 19 -4.93 -3.89 3.55
N ASP A 20 -5.91 -3.66 4.38
CA ASP A 20 -7.06 -4.62 4.47
C ASP A 20 -8.38 -3.86 4.36
N VAL A 21 -8.43 -2.65 4.85
CA VAL A 21 -9.70 -1.87 4.77
C VAL A 21 -9.58 -0.79 3.69
N ARG A 22 -8.45 -0.15 3.61
CA ARG A 22 -8.25 0.92 2.58
C ARG A 22 -7.46 0.38 1.39
N GLN A 23 -7.13 -0.89 1.42
CA GLN A 23 -6.35 -1.50 0.29
C GLN A 23 -6.72 -0.87 -1.05
N ARG A 24 -7.95 -0.46 -1.20
CA ARG A 24 -8.38 0.18 -2.48
C ARG A 24 -7.37 1.26 -2.90
N LEU A 25 -6.75 1.91 -1.94
CA LEU A 25 -5.77 2.99 -2.28
C LEU A 25 -4.33 2.47 -2.19
N MET A 26 -3.94 1.97 -1.05
CA MET A 26 -2.54 1.47 -0.90
C MET A 26 -2.13 0.64 -2.12
N LYS A 27 -3.00 -0.19 -2.61
CA LYS A 27 -2.66 -1.02 -3.80
C LYS A 27 -2.22 -0.13 -4.96
N ARG A 28 -2.50 1.15 -4.89
CA ARG A 28 -2.11 2.06 -6.01
C ARG A 28 -0.82 2.84 -5.70
N LEU A 29 -0.66 3.30 -4.49
CA LEU A 29 0.57 4.11 -4.18
C LEU A 29 1.36 3.51 -3.01
N CYS A 30 1.06 2.33 -2.57
CA CYS A 30 1.84 1.75 -1.44
C CYS A 30 1.68 0.22 -1.39
N PRO A 31 1.88 -0.41 -2.51
CA PRO A 31 1.77 -1.89 -2.57
C PRO A 31 3.08 -2.54 -2.09
N ARG A 32 4.19 -1.95 -2.42
CA ARG A 32 5.52 -2.52 -2.00
C ARG A 32 5.44 -3.12 -0.60
N SER A 33 4.95 -2.38 0.35
CA SER A 33 4.87 -2.88 1.75
C SER A 33 4.10 -4.21 1.83
N CYS A 34 2.83 -4.19 1.47
CA CYS A 34 2.02 -5.44 1.54
C CYS A 34 2.20 -6.30 0.29
N ASP A 35 3.31 -6.18 -0.39
CA ASP A 35 3.53 -7.00 -1.62
C ASP A 35 2.29 -6.99 -2.51
N PHE A 36 1.46 -5.99 -2.38
CA PHE A 36 0.24 -5.92 -3.23
C PHE A 36 0.61 -6.08 -4.71
N CYS A 37 1.81 -5.73 -5.07
CA CYS A 37 2.23 -5.86 -6.51
C CYS A 37 3.49 -6.71 -6.61
N TYR A 1 3.20 -6.25 -14.08
CA TYR A 1 4.53 -6.57 -13.49
C TYR A 1 5.34 -5.28 -13.31
N GLY A 2 4.81 -4.33 -12.59
CA GLY A 2 5.55 -3.05 -12.37
C GLY A 2 4.76 -2.18 -11.40
N CYS A 3 4.68 -2.57 -10.15
CA CYS A 3 3.93 -1.76 -9.16
C CYS A 3 4.89 -1.14 -8.14
N LEU A 4 4.56 0.03 -7.65
CA LEU A 4 5.45 0.68 -6.65
C LEU A 4 4.71 1.83 -5.96
N ASP A 5 5.10 2.14 -4.75
CA ASP A 5 4.42 3.24 -4.01
C ASP A 5 4.95 4.61 -4.45
N ARG A 6 4.38 5.66 -3.94
CA ARG A 6 4.85 7.02 -4.32
C ARG A 6 4.92 7.94 -3.10
N ILE A 7 4.69 7.40 -1.93
CA ILE A 7 4.74 8.24 -0.69
C ILE A 7 5.43 7.47 0.45
N PHE A 8 5.65 8.12 1.56
CA PHE A 8 6.32 7.42 2.70
C PHE A 8 5.31 7.03 3.79
N VAL A 9 4.11 7.51 3.73
CA VAL A 9 3.11 7.15 4.77
C VAL A 9 2.62 5.72 4.57
N CYS A 10 3.14 5.02 3.60
CA CYS A 10 2.71 3.62 3.35
C CYS A 10 3.14 2.71 4.50
N THR A 11 4.41 2.69 4.81
CA THR A 11 4.90 1.80 5.88
C THR A 11 4.03 1.95 7.14
N SER A 12 3.75 3.15 7.54
CA SER A 12 2.92 3.36 8.77
C SER A 12 1.50 2.80 8.55
N TRP A 13 1.03 2.84 7.34
CA TRP A 13 -0.34 2.33 7.06
C TRP A 13 -0.40 0.81 7.25
N ALA A 14 0.39 0.08 6.51
CA ALA A 14 0.37 -1.41 6.64
C ALA A 14 0.76 -1.84 8.07
N ARG A 15 1.34 -0.96 8.82
CA ARG A 15 1.74 -1.32 10.21
C ARG A 15 0.50 -1.59 11.07
N LYS A 16 -0.67 -1.31 10.56
CA LYS A 16 -1.90 -1.55 11.35
C LYS A 16 -2.93 -2.34 10.54
N GLY A 17 -2.67 -2.57 9.29
CA GLY A 17 -3.64 -3.33 8.45
C GLY A 17 -4.29 -2.37 7.46
N PHE A 18 -3.59 -1.35 7.06
CA PHE A 18 -4.16 -0.36 6.11
C PHE A 18 -4.34 -0.99 4.72
N CYS A 19 -3.51 -1.93 4.37
CA CYS A 19 -3.64 -2.55 3.02
C CYS A 19 -4.87 -3.48 2.97
N ASP A 20 -5.44 -3.77 4.10
CA ASP A 20 -6.66 -4.65 4.11
C ASP A 20 -7.91 -3.82 4.35
N VAL A 21 -7.77 -2.68 4.97
CA VAL A 21 -8.96 -1.81 5.22
C VAL A 21 -9.05 -0.72 4.15
N ARG A 22 -7.94 -0.13 3.81
CA ARG A 22 -7.94 0.93 2.77
C ARG A 22 -7.52 0.36 1.42
N GLN A 23 -7.28 -0.94 1.38
CA GLN A 23 -6.84 -1.63 0.11
C GLN A 23 -7.14 -0.80 -1.15
N ARG A 24 -8.34 -0.32 -1.31
CA ARG A 24 -8.66 0.49 -2.53
C ARG A 24 -7.70 1.68 -2.67
N LEU A 25 -7.38 2.31 -1.59
CA LEU A 25 -6.45 3.48 -1.64
C LEU A 25 -5.00 3.01 -1.88
N MET A 26 -4.42 2.36 -0.91
CA MET A 26 -3.01 1.88 -1.06
C MET A 26 -2.82 1.25 -2.44
N LYS A 27 -3.86 0.74 -3.02
CA LYS A 27 -3.72 0.09 -4.36
C LYS A 27 -2.79 0.91 -5.27
N ARG A 28 -3.03 2.20 -5.37
CA ARG A 28 -2.17 3.04 -6.26
C ARG A 28 -1.12 3.80 -5.44
N LEU A 29 -1.42 4.10 -4.20
CA LEU A 29 -0.44 4.85 -3.36
C LEU A 29 0.77 3.98 -3.01
N CYS A 30 0.55 2.79 -2.51
CA CYS A 30 1.71 1.90 -2.17
C CYS A 30 1.34 0.44 -2.37
N PRO A 31 1.38 0.02 -3.60
CA PRO A 31 1.04 -1.38 -3.95
C PRO A 31 2.23 -2.31 -3.67
N ARG A 32 3.33 -1.79 -3.20
CA ARG A 32 4.51 -2.65 -2.93
C ARG A 32 4.58 -3.05 -1.45
N SER A 33 3.64 -2.62 -0.66
CA SER A 33 3.68 -2.96 0.79
C SER A 33 2.98 -4.31 1.05
N CYS A 34 1.68 -4.36 0.91
CA CYS A 34 0.96 -5.63 1.17
C CYS A 34 0.98 -6.54 -0.07
N ASP A 35 1.88 -6.31 -0.99
CA ASP A 35 1.97 -7.18 -2.20
C ASP A 35 0.80 -6.89 -3.16
N PHE A 36 0.19 -5.73 -3.04
CA PHE A 36 -0.95 -5.39 -3.95
C PHE A 36 -0.68 -5.90 -5.38
N CYS A 37 0.56 -5.91 -5.78
CA CYS A 37 0.90 -6.39 -7.16
C CYS A 37 0.15 -7.70 -7.45
N TYR A 1 6.76 -1.41 -13.16
CA TYR A 1 5.68 -1.06 -14.12
C TYR A 1 4.31 -1.45 -13.56
N GLY A 2 3.98 -0.97 -12.40
CA GLY A 2 2.66 -1.31 -11.79
C GLY A 2 2.90 -2.05 -10.47
N CYS A 3 4.05 -1.89 -9.87
CA CYS A 3 4.34 -2.58 -8.59
C CYS A 3 5.32 -1.75 -7.75
N LEU A 4 5.05 -0.48 -7.60
CA LEU A 4 5.97 0.38 -6.79
C LEU A 4 5.17 1.33 -5.90
N ASP A 5 5.77 1.79 -4.85
CA ASP A 5 5.06 2.72 -3.92
C ASP A 5 5.00 4.12 -4.52
N ARG A 6 3.89 4.81 -4.36
CA ARG A 6 3.78 6.18 -4.92
C ARG A 6 4.00 7.23 -3.83
N ILE A 7 4.17 6.83 -2.61
CA ILE A 7 4.39 7.84 -1.52
C ILE A 7 5.52 7.39 -0.60
N PHE A 8 5.38 7.63 0.68
CA PHE A 8 6.44 7.21 1.63
C PHE A 8 5.82 6.73 2.94
N VAL A 9 4.63 6.19 2.87
CA VAL A 9 3.96 5.70 4.12
C VAL A 9 3.44 4.27 3.92
N CYS A 10 3.90 3.59 2.91
CA CYS A 10 3.43 2.20 2.67
C CYS A 10 3.64 1.37 3.94
N THR A 11 4.65 1.69 4.69
CA THR A 11 4.91 0.92 5.95
C THR A 11 4.01 1.43 7.08
N SER A 12 3.92 2.72 7.23
CA SER A 12 3.05 3.28 8.31
C SER A 12 1.60 2.87 8.08
N TRP A 13 1.19 2.80 6.84
CA TRP A 13 -0.22 2.39 6.54
C TRP A 13 -0.41 0.92 6.91
N ALA A 14 0.35 0.05 6.33
CA ALA A 14 0.22 -1.40 6.66
C ALA A 14 0.53 -1.62 8.15
N ARG A 15 1.14 -0.66 8.79
CA ARG A 15 1.47 -0.81 10.23
C ARG A 15 0.19 -0.91 11.07
N LYS A 16 -0.93 -0.57 10.51
CA LYS A 16 -2.20 -0.64 11.29
C LYS A 16 -3.24 -1.50 10.55
N GLY A 17 -2.97 -1.85 9.32
CA GLY A 17 -3.93 -2.69 8.56
C GLY A 17 -4.52 -1.86 7.40
N PHE A 18 -3.86 -0.82 7.02
CA PHE A 18 -4.37 0.03 5.90
C PHE A 18 -4.41 -0.78 4.61
N CYS A 19 -3.64 -1.82 4.52
CA CYS A 19 -3.62 -2.66 3.28
C CYS A 19 -4.95 -3.41 3.13
N ASP A 20 -5.82 -3.30 4.10
CA ASP A 20 -7.12 -4.01 4.01
C ASP A 20 -8.27 -3.01 4.17
N VAL A 21 -8.42 -2.45 5.34
CA VAL A 21 -9.50 -1.45 5.56
C VAL A 21 -9.58 -0.46 4.40
N ARG A 22 -8.51 0.24 4.13
CA ARG A 22 -8.51 1.23 3.00
C ARG A 22 -7.84 0.63 1.76
N GLN A 23 -7.44 -0.61 1.84
CA GLN A 23 -6.75 -1.27 0.68
C GLN A 23 -7.29 -0.78 -0.66
N ARG A 24 -8.54 -0.41 -0.73
CA ARG A 24 -9.09 0.09 -2.03
C ARG A 24 -8.22 1.22 -2.58
N LEU A 25 -7.48 1.87 -1.72
CA LEU A 25 -6.61 2.99 -2.18
C LEU A 25 -5.15 2.52 -2.32
N MET A 26 -4.55 2.11 -1.22
CA MET A 26 -3.13 1.66 -1.26
C MET A 26 -2.84 0.86 -2.55
N LYS A 27 -3.70 -0.05 -2.89
CA LYS A 27 -3.47 -0.89 -4.11
C LYS A 27 -2.89 -0.05 -5.26
N ARG A 28 -3.26 1.20 -5.36
CA ARG A 28 -2.73 2.04 -6.47
C ARG A 28 -1.55 2.92 -6.01
N LEU A 29 -1.29 2.97 -4.73
CA LEU A 29 -0.15 3.84 -4.26
C LEU A 29 0.94 3.03 -3.56
N CYS A 30 0.59 2.28 -2.55
CA CYS A 30 1.62 1.52 -1.80
C CYS A 30 1.41 0.00 -1.94
N PRO A 31 1.66 -0.50 -3.12
CA PRO A 31 1.51 -1.94 -3.38
C PRO A 31 2.71 -2.70 -2.82
N ARG A 32 3.80 -2.02 -2.61
CA ARG A 32 5.02 -2.68 -2.06
C ARG A 32 4.77 -3.20 -0.66
N SER A 33 4.31 -2.37 0.23
CA SER A 33 4.04 -2.82 1.62
C SER A 33 2.87 -3.81 1.65
N CYS A 34 1.75 -3.45 1.09
CA CYS A 34 0.58 -4.36 1.09
C CYS A 34 0.86 -5.59 0.22
N ASP A 35 1.88 -5.56 -0.58
CA ASP A 35 2.19 -6.73 -1.45
C ASP A 35 1.06 -6.93 -2.47
N PHE A 36 0.43 -5.87 -2.89
CA PHE A 36 -0.67 -5.99 -3.87
C PHE A 36 -0.15 -6.48 -5.22
N CYS A 37 1.06 -6.11 -5.57
CA CYS A 37 1.61 -6.57 -6.87
C CYS A 37 1.47 -8.08 -7.01
N TYR A 1 1.40 -4.17 -16.21
CA TYR A 1 1.34 -4.54 -14.76
C TYR A 1 2.42 -3.78 -13.98
N GLY A 2 2.07 -2.66 -13.41
CA GLY A 2 3.06 -1.88 -12.64
C GLY A 2 2.51 -1.61 -11.23
N CYS A 3 3.33 -1.71 -10.23
CA CYS A 3 2.85 -1.46 -8.85
C CYS A 3 3.99 -0.91 -7.98
N LEU A 4 4.07 0.37 -7.84
CA LEU A 4 5.15 0.96 -7.02
C LEU A 4 4.57 1.97 -6.02
N ASP A 5 5.17 2.08 -4.88
CA ASP A 5 4.66 3.05 -3.87
C ASP A 5 5.11 4.46 -4.24
N ARG A 6 4.27 5.43 -4.07
CA ARG A 6 4.68 6.81 -4.42
C ARG A 6 4.91 7.65 -3.16
N ILE A 7 4.77 7.04 -2.01
CA ILE A 7 5.01 7.78 -0.75
C ILE A 7 5.60 6.85 0.31
N PHE A 8 6.19 7.40 1.32
CA PHE A 8 6.79 6.55 2.39
C PHE A 8 5.78 6.35 3.53
N VAL A 9 4.52 6.46 3.23
CA VAL A 9 3.49 6.27 4.29
C VAL A 9 2.90 4.86 4.19
N CYS A 10 3.41 4.04 3.30
CA CYS A 10 2.86 2.65 3.19
C CYS A 10 3.09 1.91 4.51
N THR A 11 4.26 2.06 5.07
CA THR A 11 4.55 1.36 6.37
C THR A 11 3.62 1.87 7.46
N SER A 12 3.68 3.13 7.77
CA SER A 12 2.78 3.69 8.83
C SER A 12 1.34 3.23 8.58
N TRP A 13 1.01 2.97 7.34
CA TRP A 13 -0.37 2.53 7.01
C TRP A 13 -0.50 1.02 7.24
N ALA A 14 0.31 0.25 6.57
CA ALA A 14 0.24 -1.23 6.73
C ALA A 14 0.22 -1.59 8.22
N ARG A 15 0.81 -0.78 9.05
CA ARG A 15 0.83 -1.07 10.51
C ARG A 15 -0.57 -0.88 11.11
N LYS A 16 -1.51 -0.43 10.31
CA LYS A 16 -2.89 -0.23 10.84
C LYS A 16 -3.88 -1.13 10.09
N GLY A 17 -3.43 -1.79 9.06
CA GLY A 17 -4.35 -2.68 8.29
C GLY A 17 -4.63 -2.07 6.92
N PHE A 18 -4.11 -0.90 6.66
CA PHE A 18 -4.35 -0.24 5.33
C PHE A 18 -4.24 -1.26 4.20
N CYS A 19 -3.46 -2.29 4.37
CA CYS A 19 -3.30 -3.31 3.29
C CYS A 19 -4.62 -4.03 3.03
N ASP A 20 -5.59 -3.86 3.88
CA ASP A 20 -6.89 -4.55 3.67
C ASP A 20 -8.04 -3.55 3.83
N VAL A 21 -8.17 -2.96 4.99
CA VAL A 21 -9.26 -1.97 5.22
C VAL A 21 -9.40 -1.03 4.02
N ARG A 22 -8.42 -0.21 3.78
CA ARG A 22 -8.51 0.76 2.65
C ARG A 22 -7.70 0.26 1.44
N GLN A 23 -7.11 -0.90 1.55
CA GLN A 23 -6.28 -1.46 0.43
C GLN A 23 -6.71 -0.91 -0.95
N ARG A 24 -7.98 -0.81 -1.19
CA ARG A 24 -8.44 -0.28 -2.52
C ARG A 24 -7.85 1.10 -2.81
N LEU A 25 -7.30 1.76 -1.82
CA LEU A 25 -6.73 3.12 -2.05
C LEU A 25 -5.20 3.05 -2.20
N MET A 26 -4.53 2.41 -1.27
CA MET A 26 -3.04 2.32 -1.35
C MET A 26 -2.63 1.14 -2.24
N LYS A 27 -3.48 0.70 -3.12
CA LYS A 27 -3.12 -0.44 -4.00
C LYS A 27 -2.12 0.00 -5.08
N ARG A 28 -2.26 1.20 -5.57
CA ARG A 28 -1.34 1.69 -6.64
C ARG A 28 -0.25 2.60 -6.09
N LEU A 29 -0.44 3.18 -4.92
CA LEU A 29 0.60 4.11 -4.39
C LEU A 29 1.36 3.51 -3.19
N CYS A 30 1.13 2.27 -2.87
CA CYS A 30 1.86 1.68 -1.71
C CYS A 30 1.82 0.14 -1.77
N PRO A 31 2.16 -0.38 -2.91
CA PRO A 31 2.15 -1.87 -3.12
C PRO A 31 3.37 -2.52 -2.45
N ARG A 32 4.47 -1.83 -2.36
CA ARG A 32 5.68 -2.43 -1.73
C ARG A 32 5.41 -2.83 -0.28
N SER A 33 4.58 -2.09 0.41
CA SER A 33 4.30 -2.43 1.84
C SER A 33 3.29 -3.58 1.94
N CYS A 34 2.19 -3.47 1.26
CA CYS A 34 1.17 -4.56 1.32
C CYS A 34 1.40 -5.59 0.21
N ASP A 35 2.49 -5.49 -0.49
CA ASP A 35 2.78 -6.46 -1.58
C ASP A 35 1.56 -6.59 -2.50
N PHE A 36 1.00 -5.49 -2.93
CA PHE A 36 -0.18 -5.57 -3.82
C PHE A 36 0.22 -6.14 -5.19
N CYS A 37 1.49 -6.29 -5.42
CA CYS A 37 1.94 -6.85 -6.73
C CYS A 37 3.23 -7.67 -6.54
N TYR A 1 2.64 1.39 -16.54
CA TYR A 1 2.25 0.01 -16.14
C TYR A 1 3.28 -0.59 -15.19
N GLY A 2 2.85 -1.12 -14.08
CA GLY A 2 3.81 -1.71 -13.10
C GLY A 2 3.40 -1.30 -11.68
N CYS A 3 3.35 -2.25 -10.77
CA CYS A 3 2.96 -1.90 -9.37
C CYS A 3 4.15 -1.33 -8.59
N LEU A 4 3.95 -0.24 -7.89
CA LEU A 4 5.06 0.36 -7.11
C LEU A 4 4.51 1.46 -6.19
N ASP A 5 5.16 1.69 -5.08
CA ASP A 5 4.68 2.74 -4.14
C ASP A 5 4.93 4.13 -4.72
N ARG A 6 3.97 5.02 -4.59
CA ARG A 6 4.15 6.40 -5.12
C ARG A 6 4.61 7.34 -4.01
N ILE A 7 4.61 6.88 -2.79
CA ILE A 7 5.06 7.75 -1.67
C ILE A 7 5.90 6.95 -0.68
N PHE A 8 6.00 7.39 0.55
CA PHE A 8 6.82 6.65 1.54
C PHE A 8 5.97 6.15 2.72
N VAL A 9 4.87 6.81 2.99
CA VAL A 9 4.01 6.37 4.12
C VAL A 9 3.24 5.09 3.79
N CYS A 10 3.94 4.06 3.41
CA CYS A 10 3.26 2.77 3.09
C CYS A 10 3.31 1.85 4.31
N THR A 11 4.49 1.44 4.71
CA THR A 11 4.60 0.54 5.89
C THR A 11 3.88 1.15 7.09
N SER A 12 3.99 2.44 7.26
CA SER A 12 3.29 3.09 8.40
C SER A 12 1.78 2.84 8.30
N TRP A 13 1.26 2.86 7.11
CA TRP A 13 -0.20 2.62 6.93
C TRP A 13 -0.54 1.16 7.23
N ALA A 14 0.21 0.25 6.66
CA ALA A 14 -0.06 -1.20 6.90
C ALA A 14 -0.28 -1.45 8.40
N ARG A 15 0.41 -0.74 9.25
CA ARG A 15 0.25 -0.95 10.72
C ARG A 15 -1.15 -0.54 11.16
N LYS A 16 -1.84 0.23 10.36
CA LYS A 16 -3.21 0.68 10.74
C LYS A 16 -4.26 -0.19 10.05
N GLY A 17 -3.84 -1.08 9.20
CA GLY A 17 -4.83 -1.96 8.50
C GLY A 17 -5.11 -1.38 7.11
N PHE A 18 -4.35 -0.40 6.70
CA PHE A 18 -4.57 0.21 5.36
C PHE A 18 -4.57 -0.89 4.28
N CYS A 19 -3.77 -1.90 4.44
CA CYS A 19 -3.73 -2.99 3.43
C CYS A 19 -4.93 -3.93 3.61
N ASP A 20 -5.79 -3.64 4.55
CA ASP A 20 -6.96 -4.52 4.77
C ASP A 20 -8.26 -3.75 4.52
N VAL A 21 -8.48 -2.67 5.23
CA VAL A 21 -9.71 -1.87 5.03
C VAL A 21 -9.52 -0.89 3.86
N ARG A 22 -8.34 -0.33 3.76
CA ARG A 22 -8.06 0.64 2.65
C ARG A 22 -7.28 -0.06 1.53
N GLN A 23 -7.01 -1.33 1.66
CA GLN A 23 -6.24 -2.05 0.60
C GLN A 23 -6.65 -1.59 -0.81
N ARG A 24 -7.87 -1.16 -0.98
CA ARG A 24 -8.32 -0.71 -2.33
C ARG A 24 -7.55 0.55 -2.77
N LEU A 25 -6.93 1.23 -1.84
CA LEU A 25 -6.18 2.46 -2.19
C LEU A 25 -4.68 2.17 -2.27
N MET A 26 -4.05 1.90 -1.15
CA MET A 26 -2.59 1.61 -1.15
C MET A 26 -2.18 0.80 -2.38
N LYS A 27 -3.07 0.00 -2.88
CA LYS A 27 -2.74 -0.85 -4.06
C LYS A 27 -1.89 -0.12 -5.10
N ARG A 28 -2.23 1.10 -5.43
CA ARG A 28 -1.44 1.82 -6.48
C ARG A 28 -0.43 2.82 -5.90
N LEU A 29 -0.55 3.19 -4.65
CA LEU A 29 0.41 4.20 -4.10
C LEU A 29 1.39 3.58 -3.10
N CYS A 30 1.09 2.43 -2.55
CA CYS A 30 2.02 1.82 -1.57
C CYS A 30 1.78 0.31 -1.44
N PRO A 31 1.88 -0.37 -2.54
CA PRO A 31 1.67 -1.84 -2.55
C PRO A 31 2.90 -2.58 -1.99
N ARG A 32 4.05 -1.96 -2.05
CA ARG A 32 5.28 -2.64 -1.54
C ARG A 32 5.04 -3.18 -0.13
N SER A 33 4.31 -2.48 0.67
CA SER A 33 4.06 -2.94 2.07
C SER A 33 2.89 -3.94 2.13
N CYS A 34 1.76 -3.60 1.57
CA CYS A 34 0.60 -4.52 1.62
C CYS A 34 0.87 -5.79 0.82
N ASP A 35 1.97 -5.85 0.13
CA ASP A 35 2.27 -7.08 -0.67
C ASP A 35 1.28 -7.21 -1.83
N PHE A 36 0.65 -6.13 -2.19
CA PHE A 36 -0.34 -6.19 -3.31
C PHE A 36 0.33 -6.73 -4.58
N CYS A 37 1.64 -6.76 -4.62
CA CYS A 37 2.33 -7.29 -5.83
C CYS A 37 3.26 -8.44 -5.44
N TYR A 1 6.41 2.05 -13.72
CA TYR A 1 5.42 0.96 -13.98
C TYR A 1 4.40 0.89 -12.84
N GLY A 2 3.31 0.20 -13.04
CA GLY A 2 2.28 0.10 -11.97
C GLY A 2 2.60 -1.09 -11.06
N CYS A 3 1.67 -1.49 -10.24
CA CYS A 3 1.93 -2.64 -9.33
C CYS A 3 3.01 -2.27 -8.30
N LEU A 4 3.42 -1.03 -8.28
CA LEU A 4 4.48 -0.61 -7.31
C LEU A 4 3.99 0.58 -6.48
N ASP A 5 4.82 1.07 -5.59
CA ASP A 5 4.43 2.23 -4.75
C ASP A 5 5.10 3.51 -5.24
N ARG A 6 4.59 4.65 -4.86
CA ARG A 6 5.21 5.93 -5.31
C ARG A 6 5.12 6.97 -4.19
N ILE A 7 5.08 6.51 -2.97
CA ILE A 7 4.99 7.47 -1.83
C ILE A 7 5.92 7.03 -0.69
N PHE A 8 5.84 7.67 0.44
CA PHE A 8 6.72 7.29 1.57
C PHE A 8 5.95 7.31 2.89
N VAL A 9 4.89 6.56 2.97
CA VAL A 9 4.09 6.52 4.23
C VAL A 9 3.41 5.17 4.38
N CYS A 10 4.00 4.14 3.87
CA CYS A 10 3.39 2.78 3.99
C CYS A 10 3.65 2.19 5.37
N THR A 11 4.80 2.47 5.94
CA THR A 11 5.12 1.93 7.29
C THR A 11 3.97 2.23 8.25
N SER A 12 3.48 3.44 8.24
CA SER A 12 2.35 3.80 9.16
C SER A 12 1.06 3.16 8.66
N TRP A 13 0.91 3.00 7.37
CA TRP A 13 -0.33 2.37 6.84
C TRP A 13 -0.38 0.89 7.22
N ALA A 14 0.60 0.13 6.80
CA ALA A 14 0.60 -1.32 7.13
C ALA A 14 0.41 -1.52 8.64
N ARG A 15 0.77 -0.55 9.43
CA ARG A 15 0.60 -0.69 10.90
C ARG A 15 -0.82 -0.29 11.32
N LYS A 16 -1.60 0.21 10.41
CA LYS A 16 -2.99 0.61 10.76
C LYS A 16 -4.01 -0.24 10.01
N GLY A 17 -3.57 -1.32 9.41
CA GLY A 17 -4.52 -2.20 8.65
C GLY A 17 -4.84 -1.56 7.30
N PHE A 18 -3.98 -0.71 6.82
CA PHE A 18 -4.24 -0.05 5.50
C PHE A 18 -4.22 -1.09 4.37
N CYS A 19 -3.48 -2.15 4.53
CA CYS A 19 -3.42 -3.20 3.46
C CYS A 19 -4.77 -3.92 3.37
N ASP A 20 -5.61 -3.79 4.36
CA ASP A 20 -6.93 -4.47 4.32
C ASP A 20 -8.06 -3.45 4.39
N VAL A 21 -7.86 -2.37 5.08
CA VAL A 21 -8.92 -1.33 5.18
C VAL A 21 -8.89 -0.42 3.96
N ARG A 22 -7.78 0.19 3.68
CA ARG A 22 -7.67 1.10 2.51
C ARG A 22 -7.14 0.34 1.29
N GLN A 23 -6.91 -0.94 1.42
CA GLN A 23 -6.37 -1.74 0.27
C GLN A 23 -6.89 -1.21 -1.07
N ARG A 24 -8.09 -0.69 -1.10
CA ARG A 24 -8.62 -0.15 -2.40
C ARG A 24 -7.67 0.91 -2.95
N LEU A 25 -7.00 1.62 -2.08
CA LEU A 25 -6.05 2.68 -2.54
C LEU A 25 -4.61 2.17 -2.49
N MET A 26 -4.21 1.58 -1.40
CA MET A 26 -2.82 1.08 -1.29
C MET A 26 -2.43 0.32 -2.57
N LYS A 27 -3.37 -0.34 -3.19
CA LYS A 27 -3.04 -1.10 -4.43
C LYS A 27 -2.08 -0.30 -5.31
N ARG A 28 -2.47 0.88 -5.73
CA ARG A 28 -1.56 1.71 -6.57
C ARG A 28 -0.64 2.55 -5.67
N LEU A 29 -1.16 3.02 -4.57
CA LEU A 29 -0.32 3.85 -3.65
C LEU A 29 0.87 3.05 -3.10
N CYS A 30 0.62 1.92 -2.50
CA CYS A 30 1.75 1.12 -1.96
C CYS A 30 1.42 -0.37 -1.93
N PRO A 31 1.37 -0.96 -3.09
CA PRO A 31 1.08 -2.41 -3.21
C PRO A 31 2.30 -3.21 -2.74
N ARG A 32 3.42 -2.56 -2.59
CA ARG A 32 4.64 -3.26 -2.14
C ARG A 32 4.51 -3.72 -0.69
N SER A 33 4.51 -2.80 0.24
CA SER A 33 4.39 -3.17 1.67
C SER A 33 3.40 -4.33 1.86
N CYS A 34 2.21 -4.18 1.35
CA CYS A 34 1.19 -5.28 1.52
C CYS A 34 1.40 -6.34 0.42
N ASP A 35 2.10 -6.00 -0.63
CA ASP A 35 2.35 -6.98 -1.73
C ASP A 35 1.08 -7.22 -2.57
N PHE A 36 0.41 -6.17 -2.97
CA PHE A 36 -0.81 -6.36 -3.81
C PHE A 36 -0.40 -6.87 -5.19
N CYS A 37 0.70 -6.40 -5.68
CA CYS A 37 1.18 -6.84 -7.02
C CYS A 37 1.85 -8.21 -6.92
N TYR A 1 8.55 -1.57 -14.92
CA TYR A 1 7.28 -0.83 -15.19
C TYR A 1 6.08 -1.72 -14.83
N GLY A 2 5.84 -1.93 -13.57
CA GLY A 2 4.69 -2.78 -13.17
C GLY A 2 3.95 -2.13 -11.99
N CYS A 3 4.12 -2.67 -10.81
CA CYS A 3 3.42 -2.09 -9.63
C CYS A 3 4.43 -1.43 -8.68
N LEU A 4 4.16 -0.21 -8.27
CA LEU A 4 5.10 0.49 -7.35
C LEU A 4 4.35 1.51 -6.52
N ASP A 5 4.85 1.83 -5.36
CA ASP A 5 4.16 2.83 -4.49
C ASP A 5 4.52 4.24 -4.92
N ARG A 6 4.00 5.23 -4.25
CA ARG A 6 4.31 6.65 -4.62
C ARG A 6 4.62 7.48 -3.38
N ILE A 7 4.63 6.88 -2.23
CA ILE A 7 4.93 7.66 -0.98
C ILE A 7 5.83 6.85 -0.06
N PHE A 8 6.21 7.41 1.07
CA PHE A 8 7.09 6.68 2.02
C PHE A 8 6.41 6.58 3.40
N VAL A 9 5.13 6.83 3.45
CA VAL A 9 4.42 6.75 4.76
C VAL A 9 3.67 5.42 4.89
N CYS A 10 3.51 4.71 3.80
CA CYS A 10 2.79 3.41 3.88
C CYS A 10 3.33 2.58 5.04
N THR A 11 4.58 2.75 5.37
CA THR A 11 5.15 1.96 6.49
C THR A 11 4.25 2.11 7.72
N SER A 12 3.87 3.33 8.03
CA SER A 12 2.99 3.55 9.21
C SER A 12 1.58 3.08 8.87
N TRP A 13 1.24 3.03 7.60
CA TRP A 13 -0.12 2.57 7.21
C TRP A 13 -0.26 1.07 7.48
N ALA A 14 0.55 0.26 6.85
CA ALA A 14 0.47 -1.20 7.07
C ALA A 14 0.46 -1.51 8.58
N ARG A 15 1.13 -0.69 9.35
CA ARG A 15 1.16 -0.92 10.83
C ARG A 15 -0.22 -0.65 11.44
N LYS A 16 -1.16 -0.20 10.66
CA LYS A 16 -2.51 0.08 11.21
C LYS A 16 -3.57 -0.78 10.51
N GLY A 17 -3.24 -1.31 9.36
CA GLY A 17 -4.22 -2.15 8.62
C GLY A 17 -4.64 -1.45 7.34
N PHE A 18 -3.94 -0.40 6.98
CA PHE A 18 -4.29 0.34 5.73
C PHE A 18 -4.43 -0.63 4.56
N CYS A 19 -3.51 -1.55 4.44
CA CYS A 19 -3.57 -2.53 3.31
C CYS A 19 -4.91 -3.28 3.32
N ASP A 20 -5.63 -3.24 4.40
CA ASP A 20 -6.93 -3.97 4.46
C ASP A 20 -8.10 -2.97 4.47
N VAL A 21 -8.28 -2.27 5.55
CA VAL A 21 -9.40 -1.30 5.62
C VAL A 21 -9.30 -0.27 4.49
N ARG A 22 -8.10 0.17 4.19
CA ARG A 22 -7.91 1.18 3.10
C ARG A 22 -7.47 0.49 1.82
N GLN A 23 -7.37 -0.82 1.84
CA GLN A 23 -6.92 -1.59 0.63
C GLN A 23 -7.30 -0.87 -0.67
N ARG A 24 -8.57 -0.75 -0.96
CA ARG A 24 -9.00 -0.07 -2.22
C ARG A 24 -8.14 1.17 -2.49
N LEU A 25 -7.64 1.79 -1.46
CA LEU A 25 -6.79 3.01 -1.66
C LEU A 25 -5.31 2.62 -1.62
N MET A 26 -4.93 1.76 -0.70
CA MET A 26 -3.50 1.35 -0.60
C MET A 26 -3.14 0.39 -1.74
N LYS A 27 -4.09 -0.01 -2.52
CA LYS A 27 -3.81 -0.95 -3.64
C LYS A 27 -3.30 -0.19 -4.87
N ARG A 28 -3.59 1.07 -4.95
CA ARG A 28 -3.15 1.85 -6.15
C ARG A 28 -1.90 2.69 -5.87
N LEU A 29 -1.57 2.94 -4.63
CA LEU A 29 -0.37 3.79 -4.35
C LEU A 29 0.66 3.09 -3.45
N CYS A 30 0.46 1.85 -3.10
CA CYS A 30 1.46 1.18 -2.22
C CYS A 30 1.32 -0.35 -2.31
N PRO A 31 1.47 -0.84 -3.51
CA PRO A 31 1.36 -2.31 -3.74
C PRO A 31 2.66 -3.00 -3.29
N ARG A 32 3.61 -2.26 -2.81
CA ARG A 32 4.89 -2.88 -2.36
C ARG A 32 4.78 -3.40 -0.93
N SER A 33 3.77 -2.99 -0.20
CA SER A 33 3.62 -3.48 1.21
C SER A 33 2.94 -4.85 1.23
N CYS A 34 1.70 -4.91 0.84
CA CYS A 34 0.98 -6.22 0.84
C CYS A 34 1.15 -6.93 -0.49
N ASP A 35 2.08 -6.49 -1.31
CA ASP A 35 2.26 -7.14 -2.63
C ASP A 35 0.93 -7.18 -3.38
N PHE A 36 0.14 -6.16 -3.22
CA PHE A 36 -1.18 -6.11 -3.92
C PHE A 36 -1.03 -6.56 -5.38
N CYS A 37 0.14 -6.44 -5.94
CA CYS A 37 0.34 -6.85 -7.35
C CYS A 37 1.84 -6.96 -7.65
N TYR A 1 5.92 -3.34 -13.50
CA TYR A 1 5.84 -2.19 -14.44
C TYR A 1 4.83 -1.17 -13.94
N GLY A 2 3.89 -1.58 -13.14
CA GLY A 2 2.88 -0.63 -12.61
C GLY A 2 2.56 -0.96 -11.15
N CYS A 3 3.50 -1.53 -10.44
CA CYS A 3 3.26 -1.87 -9.02
C CYS A 3 4.41 -1.36 -8.14
N LEU A 4 4.24 -0.21 -7.55
CA LEU A 4 5.33 0.35 -6.69
C LEU A 4 4.76 1.42 -5.76
N ASP A 5 5.41 1.63 -4.65
CA ASP A 5 4.94 2.65 -3.68
C ASP A 5 5.16 4.06 -4.23
N ARG A 6 4.15 4.89 -4.18
CA ARG A 6 4.30 6.28 -4.69
C ARG A 6 4.82 7.20 -3.58
N ILE A 7 4.80 6.73 -2.37
CA ILE A 7 5.30 7.58 -1.25
C ILE A 7 5.98 6.71 -0.19
N PHE A 8 6.33 7.29 0.93
CA PHE A 8 7.00 6.49 2.00
C PHE A 8 6.09 6.38 3.22
N VAL A 9 4.81 6.65 3.05
CA VAL A 9 3.87 6.56 4.21
C VAL A 9 3.40 5.12 4.41
N CYS A 10 3.95 4.20 3.65
CA CYS A 10 3.53 2.77 3.80
C CYS A 10 3.81 2.27 5.21
N THR A 11 4.77 2.87 5.88
CA THR A 11 5.08 2.42 7.28
C THR A 11 3.92 2.79 8.20
N SER A 12 3.37 3.95 8.05
CA SER A 12 2.23 4.36 8.92
C SER A 12 0.96 3.63 8.50
N TRP A 13 0.85 3.25 7.25
CA TRP A 13 -0.36 2.52 6.79
C TRP A 13 -0.22 1.03 7.07
N ALA A 14 0.87 0.44 6.68
CA ALA A 14 1.06 -1.01 6.92
C ALA A 14 0.72 -1.37 8.37
N ARG A 15 1.16 -0.58 9.31
CA ARG A 15 0.85 -0.89 10.74
C ARG A 15 -0.61 -0.56 11.05
N LYS A 16 -1.36 -0.09 10.09
CA LYS A 16 -2.79 0.24 10.35
C LYS A 16 -3.71 -0.67 9.54
N GLY A 17 -3.21 -1.78 9.06
CA GLY A 17 -4.06 -2.71 8.27
C GLY A 17 -4.45 -2.04 6.95
N PHE A 18 -3.78 -0.98 6.58
CA PHE A 18 -4.11 -0.29 5.32
C PHE A 18 -4.23 -1.29 4.17
N CYS A 19 -3.42 -2.31 4.18
CA CYS A 19 -3.49 -3.33 3.09
C CYS A 19 -4.86 -4.02 3.12
N ASP A 20 -5.61 -3.81 4.15
CA ASP A 20 -6.95 -4.46 4.25
C ASP A 20 -8.04 -3.39 4.44
N VAL A 21 -7.82 -2.48 5.34
CA VAL A 21 -8.84 -1.40 5.58
C VAL A 21 -8.91 -0.46 4.38
N ARG A 22 -7.81 0.14 4.03
CA ARG A 22 -7.79 1.09 2.89
C ARG A 22 -7.26 0.39 1.63
N GLN A 23 -6.97 -0.88 1.74
CA GLN A 23 -6.44 -1.64 0.56
C GLN A 23 -7.03 -1.14 -0.75
N ARG A 24 -8.28 -0.76 -0.76
CA ARG A 24 -8.89 -0.26 -2.03
C ARG A 24 -8.05 0.89 -2.58
N LEU A 25 -7.49 1.70 -1.72
CA LEU A 25 -6.65 2.84 -2.18
C LEU A 25 -5.18 2.43 -2.12
N MET A 26 -4.81 1.64 -1.15
CA MET A 26 -3.39 1.19 -1.03
C MET A 26 -2.96 0.44 -2.28
N LYS A 27 -3.90 0.02 -3.09
CA LYS A 27 -3.55 -0.73 -4.32
C LYS A 27 -2.76 0.15 -5.30
N ARG A 28 -3.10 1.42 -5.39
CA ARG A 28 -2.39 2.31 -6.33
C ARG A 28 -1.31 3.13 -5.61
N LEU A 29 -1.40 3.25 -4.31
CA LEU A 29 -0.39 4.06 -3.57
C LEU A 29 0.80 3.20 -3.14
N CYS A 30 0.57 2.12 -2.43
CA CYS A 30 1.72 1.26 -1.99
C CYS A 30 1.42 -0.22 -2.19
N PRO A 31 1.64 -0.68 -3.40
CA PRO A 31 1.39 -2.10 -3.73
C PRO A 31 2.57 -2.96 -3.26
N ARG A 32 3.63 -2.35 -2.80
CA ARG A 32 4.81 -3.13 -2.33
C ARG A 32 4.53 -3.76 -0.96
N SER A 33 4.51 -2.96 0.08
CA SER A 33 4.26 -3.50 1.44
C SER A 33 3.09 -4.49 1.41
N CYS A 34 1.92 -4.04 1.02
CA CYS A 34 0.75 -4.95 0.98
C CYS A 34 0.89 -5.95 -0.18
N ASP A 35 1.79 -5.68 -1.08
CA ASP A 35 1.98 -6.61 -2.23
C ASP A 35 0.68 -6.79 -3.03
N PHE A 36 0.10 -5.72 -3.50
CA PHE A 36 -1.16 -5.85 -4.29
C PHE A 36 -0.83 -6.43 -5.67
N CYS A 37 0.42 -6.43 -6.03
CA CYS A 37 0.80 -6.99 -7.36
C CYS A 37 1.59 -8.30 -7.19
#